data_8YUV
#
_entry.id   8YUV
#
_cell.length_a   1.00
_cell.length_b   1.00
_cell.length_c   1.00
_cell.angle_alpha   90.00
_cell.angle_beta   90.00
_cell.angle_gamma   90.00
#
_symmetry.space_group_name_H-M   'P 1'
#
loop_
_entity.id
_entity.type
_entity.pdbx_description
1 polymer 'Guanine nucleotide-binding protein G(i) subunit alpha-1'
2 polymer 'Guanine nucleotide-binding protein G(I)/G(S)/G(T) subunit beta-1'
3 polymer 'Guanine nucleotide-binding protein G(I)/G(S)/G(O) subunit gamma-2'
4 polymer scFv16
5 polymer 'Histamine H3 receptor'
6 non-polymer 4-(1H-imidazol-5-ylmethyl)piperidine
7 non-polymer CHOLESTEROL
#
loop_
_entity_poly.entity_id
_entity_poly.type
_entity_poly.pdbx_seq_one_letter_code
_entity_poly.pdbx_strand_id
1 'polypeptide(L)'
;MGCTLSAEDKAAVERSKMIDRNLREDGEKAAREVKLLLLGAGESGKNTIVKQMKIIHEAGYSEEECKQYKAVVYSNTIQS
IIAIIRAMGRLKIDFGDSARADDARQLFVLAGAAEEGFMTAELAGVIKRLWKDSGVQACFNRSREYQLNDSAAYYLNDLD
RIAQPNYIPTQQDVLRTRVKTTGIVETHFTFKDLHFKMFDVGAQRSERKKWIHCFEGVTAIIFCVALSDYDLVLAEDEEM
NRMHASMKLFDSICNNKWFTDTSIILFLNKKDLFEEKIKKSPLTICYPEYAGSNTYEEAAAYIQCQFEDLNKRKDTKEIY
THFTCSTDTKNVQFVFDAVTDVIIKNNLKDCGLF
;
A
2 'polypeptide(L)'
;MHHHHHHLEVLFQGPGSSGSELDQLRQEAEQLKNQIRDARKACADATLSQITNNIDPVGRIQMRTRRTLRGHLAKIYAMH
WGTDSRLLVSASQDGKLIIWDSYTTNKVHAIPLRSSWVMTCAYAPSGNYVACGGLDNICSIYNLKTREGNVRVSRELAGH
TGYLSCCRFLDDNQIVTSSGDTTCALWDIETGQQTTTFTGHTGDVMSLSLAPDTRLFVSGACDASAKLWDVREGMCRQTF
TGHESDINAICFFPNGNAFATGSDDATCRLFDLRADQELMTYSHDNIICGITSVSFSKSGRLLLAGYDDFNCNVWDALKA
DRAGVLAGHDNRVSCLGVTDDGMAVATGSWDSFLKIWN
;
B
3 'polypeptide(L)' MASNNTASIAQARKLVEQLKMEANIDRIKVSKAAADLMAYCEAHAKEDPLLTPVPASENPFREKKFFCAIL G
4 'polypeptide(L)'
;DVQLVESGGGLVQPGGSRKLSCSASGFAFSSFGMHWVRQAPEKGLEWVAYISSGSGTIYYADTVKGRFTISRDDPKNTLF
LQMTSLRSEDTAMYYCVRSIYYYGSSPFDFWGQGTTLTVSSGGGGSGGGGSGGGGSDIVMTQATSSVPVTPGESVSISCR
SSKSLLHSNGNTYLYWFLQRPGQSPQLLIYRMSNLASGVPDRFSGSGSGTAFTLTISRLEAEDVGVYYCMQHLEYPLTFG
AGTKLELKGSLEVLFQGPAAAHHHHHHHH
;
S
5 'polypeptide(L)'
;DYKDDDDKLEVLFQGPMERAPPDGPLNASGALAGEAAAAGGARGFSAAWTAVLAALMALLIVATVLGNALVMLAFVADSS
LRTQNNFFLLNLAISDFLVGAFCIPLYVPYVLTGRWTFGRGLCKLWLVVDYLLCTSSAFNIVLISYDRFLSVTRAVSYRA
QQGDTRRAVRKMLLVWVLAFLLYGPAILSWEYLSGGSSIPEGHCYAEFFYNWYFLITASTLEFFTPFLSVTFFNLSIYLN
IQRRTRLRLDGAREAAGPEPPPEAQPSPPPPPGCWGCWQKGHGEAMPLHRYGVGEAAVGAEAGEATLGGGGGGGSVASPT
SSSGSSSRGTERPRSLKRGSKPSASSASLEKRMKMVSQSFTQRFRLSRDRKVAKSLAVIVSIFGLCWAPYTLLMIIRAAC
HGHCVPDYWYETSFWLLWANSAVNPVLYPLCHHSFRRAFTKLLCPQKLKIQPHSSLEHCWK
;
R
#
# COMPACT_ATOMS: atom_id res chain seq x y z
N CYS A 3 -16.81 -9.34 -23.47
CA CYS A 3 -16.16 -9.24 -22.16
C CYS A 3 -17.18 -9.48 -21.08
N THR A 4 -18.44 -9.52 -21.51
CA THR A 4 -19.67 -9.75 -20.72
C THR A 4 -20.12 -8.59 -19.82
N LEU A 5 -19.29 -7.59 -19.65
CA LEU A 5 -19.59 -6.48 -18.76
C LEU A 5 -20.67 -5.59 -19.34
N SER A 6 -21.54 -5.10 -18.47
CA SER A 6 -22.60 -4.19 -18.84
C SER A 6 -22.05 -2.81 -19.06
N ALA A 7 -22.82 -1.92 -19.67
CA ALA A 7 -22.31 -0.58 -19.89
C ALA A 7 -21.85 0.08 -18.61
N GLU A 8 -22.57 -0.15 -17.52
CA GLU A 8 -22.19 0.46 -16.28
C GLU A 8 -20.98 -0.19 -15.68
N ASP A 9 -20.82 -1.50 -15.87
CA ASP A 9 -19.66 -2.13 -15.29
C ASP A 9 -18.42 -1.68 -16.01
N LYS A 10 -18.54 -1.49 -17.32
CA LYS A 10 -17.39 -1.04 -18.06
C LYS A 10 -17.00 0.35 -17.58
N ALA A 11 -18.00 1.21 -17.35
CA ALA A 11 -17.73 2.55 -16.86
C ALA A 11 -17.10 2.52 -15.49
N ALA A 12 -17.54 1.61 -14.64
CA ALA A 12 -17.00 1.51 -13.31
C ALA A 12 -15.52 1.16 -13.35
N VAL A 13 -15.14 0.32 -14.31
CA VAL A 13 -13.75 -0.06 -14.44
C VAL A 13 -12.94 1.13 -14.89
N GLU A 14 -13.44 1.90 -15.85
CA GLU A 14 -12.70 3.06 -16.28
C GLU A 14 -12.43 3.98 -15.10
N ARG A 15 -13.41 4.14 -14.23
CA ARG A 15 -13.22 4.98 -13.07
C ARG A 15 -12.16 4.40 -12.15
N SER A 16 -12.17 3.09 -11.97
CA SER A 16 -11.17 2.46 -11.13
C SER A 16 -9.78 2.71 -11.69
N LYS A 17 -9.62 2.61 -13.02
CA LYS A 17 -8.31 2.85 -13.61
C LYS A 17 -7.84 4.28 -13.38
N MET A 18 -8.74 5.26 -13.45
CA MET A 18 -8.31 6.61 -13.19
C MET A 18 -7.86 6.77 -11.76
N ILE A 19 -8.50 6.06 -10.84
CA ILE A 19 -8.08 6.16 -9.45
C ILE A 19 -6.67 5.64 -9.34
N ASP A 20 -6.37 4.50 -9.97
CA ASP A 20 -5.01 3.98 -9.88
C ASP A 20 -3.99 4.91 -10.47
N ARG A 21 -4.34 5.57 -11.56
CA ARG A 21 -3.41 6.48 -12.16
C ARG A 21 -3.06 7.59 -11.19
N ASN A 22 -4.06 8.14 -10.53
CA ASN A 22 -3.79 9.21 -9.60
C ASN A 22 -3.02 8.74 -8.39
N LEU A 23 -3.25 7.50 -7.95
CA LEU A 23 -2.52 7.01 -6.81
C LEU A 23 -1.05 6.90 -7.16
N ARG A 24 -0.75 6.47 -8.38
CA ARG A 24 0.64 6.37 -8.79
C ARG A 24 1.32 7.73 -8.81
N GLU A 25 0.63 8.76 -9.31
CA GLU A 25 1.28 10.07 -9.35
C GLU A 25 1.56 10.60 -7.95
N ASP A 26 0.66 10.37 -7.01
CA ASP A 26 0.94 10.85 -5.67
C ASP A 26 2.09 10.07 -5.07
N GLY A 27 2.16 8.79 -5.40
CA GLY A 27 3.23 7.95 -4.92
C GLY A 27 4.57 8.44 -5.41
N GLU A 28 4.64 8.87 -6.67
CA GLU A 28 5.89 9.36 -7.23
C GLU A 28 6.36 10.59 -6.50
N LYS A 29 5.43 11.46 -6.11
CA LYS A 29 5.87 12.63 -5.38
C LYS A 29 6.38 12.28 -4.01
N ALA A 30 5.66 11.40 -3.31
CA ALA A 30 6.04 11.02 -1.96
C ALA A 30 7.39 10.33 -1.93
N ALA A 31 7.66 9.58 -2.98
CA ALA A 31 8.87 8.80 -3.12
C ALA A 31 10.11 9.66 -3.25
N ARG A 32 9.94 10.95 -3.52
CA ARG A 32 11.05 11.84 -3.67
C ARG A 32 11.25 12.74 -2.46
N GLU A 33 10.48 12.54 -1.40
CA GLU A 33 10.61 13.38 -0.22
C GLU A 33 11.52 12.79 0.84
N VAL A 34 12.09 13.65 1.65
CA VAL A 34 12.91 13.19 2.76
C VAL A 34 12.16 13.29 4.07
N LYS A 35 11.99 12.16 4.73
CA LYS A 35 11.31 12.15 6.02
C LYS A 35 12.30 12.16 7.17
N LEU A 36 12.16 13.14 8.04
CA LEU A 36 13.05 13.26 9.19
C LEU A 36 12.19 13.22 10.43
N LEU A 37 12.71 12.64 11.50
CA LEU A 37 11.96 12.56 12.74
C LEU A 37 12.69 13.37 13.77
N LEU A 38 11.98 14.26 14.44
CA LEU A 38 12.62 15.11 15.42
C LEU A 38 12.35 14.59 16.82
N LEU A 39 13.40 14.25 17.55
CA LEU A 39 13.25 13.73 18.89
C LEU A 39 14.11 14.56 19.82
N GLY A 40 13.57 14.96 20.96
CA GLY A 40 14.32 15.73 21.91
C GLY A 40 13.69 15.63 23.26
N ALA A 41 14.41 15.99 24.31
CA ALA A 41 13.83 15.96 25.65
C ALA A 41 13.59 17.34 26.22
N GLY A 42 12.33 17.66 26.52
CA GLY A 42 12.03 18.93 27.16
C GLY A 42 12.51 20.17 26.43
N GLU A 43 13.20 21.04 27.17
CA GLU A 43 13.73 22.27 26.58
C GLU A 43 15.07 21.99 25.96
N SER A 44 15.08 21.21 24.89
CA SER A 44 16.33 20.83 24.24
C SER A 44 16.73 21.79 23.14
N GLY A 45 15.89 22.79 22.87
CA GLY A 45 16.17 23.69 21.77
C GLY A 45 15.63 23.10 20.48
N LYS A 46 14.69 22.17 20.60
CA LYS A 46 14.09 21.55 19.43
C LYS A 46 13.40 22.61 18.63
N ASN A 47 12.71 23.50 19.31
CA ASN A 47 11.97 24.55 18.63
C ASN A 47 12.93 25.45 17.87
N THR A 48 14.05 25.77 18.48
CA THR A 48 15.03 26.62 17.82
C THR A 48 15.43 25.97 16.51
N ILE A 49 15.61 24.65 16.53
CA ILE A 49 16.00 23.95 15.31
C ILE A 49 14.88 24.08 14.30
N VAL A 50 13.64 23.92 14.73
CA VAL A 50 12.50 24.03 13.82
C VAL A 50 12.42 25.43 13.21
N LYS A 51 12.65 26.46 14.03
CA LYS A 51 12.61 27.82 13.52
C LYS A 51 13.69 28.01 12.47
N GLN A 52 14.89 27.49 12.74
CA GLN A 52 15.99 27.61 11.79
C GLN A 52 15.70 26.87 10.50
N MET A 53 15.10 25.69 10.59
CA MET A 53 14.80 24.90 9.40
C MET A 53 13.82 25.63 8.47
N LYS A 54 12.81 26.26 9.04
CA LYS A 54 11.83 26.97 8.23
C LYS A 54 12.00 28.48 8.38
N THR A 182 -2.25 18.89 19.38
CA THR A 182 -1.85 18.03 20.49
C THR A 182 -1.14 16.79 19.99
N GLY A 183 -1.30 16.49 18.70
CA GLY A 183 -0.69 15.31 18.12
C GLY A 183 0.62 15.59 17.43
N ILE A 184 0.99 14.73 16.51
CA ILE A 184 2.22 14.92 15.76
C ILE A 184 2.16 16.22 14.97
N VAL A 185 3.28 16.93 14.89
CA VAL A 185 3.33 18.19 14.14
C VAL A 185 4.28 17.99 12.97
N GLU A 186 3.86 18.37 11.77
CA GLU A 186 4.69 18.18 10.60
C GLU A 186 5.16 19.49 10.01
N THR A 187 6.46 19.61 9.78
CA THR A 187 7.03 20.82 9.20
C THR A 187 7.62 20.51 7.85
N HIS A 188 7.29 21.29 6.84
CA HIS A 188 7.79 21.05 5.51
C HIS A 188 8.68 22.19 5.07
N PHE A 189 9.90 21.88 4.63
CA PHE A 189 10.80 22.90 4.12
C PHE A 189 11.55 22.39 2.91
N THR A 190 11.98 23.27 2.02
CA THR A 190 12.73 22.86 0.84
C THR A 190 14.08 23.54 0.78
N PHE A 191 15.15 22.76 0.67
CA PHE A 191 16.48 23.34 0.52
C PHE A 191 17.19 22.73 -0.67
N LYS A 192 17.69 23.57 -1.58
CA LYS A 192 18.42 23.09 -2.75
C LYS A 192 17.67 22.04 -3.54
N ASP A 193 16.38 22.26 -3.78
CA ASP A 193 15.56 21.34 -4.59
C ASP A 193 15.24 20.00 -3.95
N LEU A 194 15.39 19.90 -2.63
CA LEU A 194 15.04 18.68 -1.93
C LEU A 194 13.95 19.02 -0.93
N HIS A 195 12.89 18.23 -0.92
CA HIS A 195 11.77 18.52 -0.03
C HIS A 195 11.89 17.72 1.23
N PHE A 196 11.85 18.40 2.37
CA PHE A 196 12.02 17.73 3.64
C PHE A 196 10.77 17.82 4.49
N LYS A 197 10.35 16.70 5.06
CA LYS A 197 9.21 16.72 5.96
C LYS A 197 9.72 16.28 7.32
N MET A 198 9.51 17.09 8.35
CA MET A 198 10.02 16.77 9.68
C MET A 198 8.88 16.57 10.66
N PHE A 199 8.90 15.50 11.43
CA PHE A 199 7.82 15.22 12.35
C PHE A 199 8.22 15.40 13.80
N ASP A 200 7.54 16.28 14.50
CA ASP A 200 7.82 16.50 15.91
C ASP A 200 6.88 15.61 16.68
N VAL A 201 7.39 14.51 17.19
CA VAL A 201 6.53 13.53 17.87
C VAL A 201 6.58 13.68 19.35
N GLY A 202 7.00 14.85 19.81
CA GLY A 202 7.04 15.06 21.23
C GLY A 202 5.63 15.37 21.70
N ALA A 203 5.51 15.66 22.98
CA ALA A 203 4.21 15.94 23.60
C ALA A 203 3.21 14.81 23.45
N GLN A 204 3.67 13.57 23.46
CA GLN A 204 2.76 12.44 23.40
C GLN A 204 2.95 11.60 24.63
N ARG A 205 2.10 11.79 25.60
CA ARG A 205 2.25 11.10 26.86
C ARG A 205 1.65 9.72 26.74
N SER A 206 2.32 8.86 25.98
CA SER A 206 1.83 7.51 25.74
C SER A 206 3.02 6.59 25.68
N GLU A 207 2.82 5.38 25.18
CA GLU A 207 3.89 4.40 25.14
C GLU A 207 4.53 4.46 23.78
N ARG A 208 5.82 4.78 23.74
CA ARG A 208 6.52 4.92 22.47
C ARG A 208 6.47 3.60 21.74
N LYS A 209 6.51 2.51 22.48
CA LYS A 209 6.51 1.19 21.87
C LYS A 209 5.31 0.96 21.00
N LYS A 210 4.15 1.45 21.42
CA LYS A 210 2.93 1.19 20.68
C LYS A 210 2.69 2.11 19.48
N TRP A 211 3.72 2.86 19.06
CA TRP A 211 3.60 3.75 17.89
C TRP A 211 4.92 4.09 17.21
N ILE A 212 6.04 3.65 17.79
CA ILE A 212 7.36 3.94 17.21
C ILE A 212 7.59 3.29 15.85
N HIS A 213 6.99 2.13 15.61
CA HIS A 213 7.17 1.43 14.35
C HIS A 213 6.70 2.23 13.14
N CYS A 214 5.70 3.09 13.33
CA CYS A 214 5.21 3.92 12.24
C CYS A 214 6.31 4.69 11.54
N PHE A 215 7.43 4.93 12.23
CA PHE A 215 8.51 5.69 11.67
C PHE A 215 9.67 4.83 11.23
N GLU A 216 9.45 3.52 11.11
CA GLU A 216 10.52 2.61 10.72
C GLU A 216 11.23 3.04 9.44
N GLY A 217 10.49 3.59 8.49
CA GLY A 217 11.04 4.00 7.20
C GLY A 217 11.56 5.43 7.13
N VAL A 218 11.66 6.12 8.25
CA VAL A 218 12.12 7.50 8.24
C VAL A 218 13.57 7.50 7.76
N THR A 219 13.95 8.50 6.95
CA THR A 219 15.30 8.57 6.42
C THR A 219 16.32 8.75 7.51
N ALA A 220 16.03 9.63 8.44
CA ALA A 220 16.95 9.89 9.51
C ALA A 220 16.25 10.43 10.73
N ILE A 221 16.92 10.30 11.87
CA ILE A 221 16.43 10.84 13.11
C ILE A 221 17.26 12.01 13.56
N ILE A 222 16.61 13.10 13.88
CA ILE A 222 17.28 14.29 14.40
C ILE A 222 17.02 14.33 15.88
N PHE A 223 18.10 14.39 16.65
CA PHE A 223 18.00 14.39 18.09
C PHE A 223 18.59 15.67 18.64
N CYS A 224 17.91 16.29 19.59
CA CYS A 224 18.39 17.54 20.16
C CYS A 224 18.69 17.41 21.64
N VAL A 225 19.85 17.84 22.07
CA VAL A 225 20.23 17.79 23.47
C VAL A 225 20.85 19.14 23.74
N ALA A 226 20.53 19.81 24.85
CA ALA A 226 21.21 21.05 25.11
C ALA A 226 22.42 20.74 25.95
N LEU A 227 23.51 21.46 25.72
CA LEU A 227 24.72 21.27 26.49
C LEU A 227 24.68 21.91 27.86
N SER A 228 23.90 22.96 28.01
CA SER A 228 23.84 23.68 29.27
C SER A 228 23.16 22.87 30.36
N ASP A 229 22.48 21.82 29.96
CA ASP A 229 21.70 20.98 30.84
C ASP A 229 22.54 20.13 31.76
N TYR A 230 23.86 20.11 31.55
CA TYR A 230 24.71 19.27 32.36
C TYR A 230 24.62 19.57 33.86
N ASP A 231 24.27 20.79 34.29
CA ASP A 231 24.19 20.98 35.74
C ASP A 231 22.76 21.12 36.23
N LEU A 232 21.79 20.72 35.42
CA LEU A 232 20.40 20.87 35.80
C LEU A 232 19.74 19.56 36.11
N VAL A 233 18.70 19.61 36.92
CA VAL A 233 17.96 18.41 37.26
C VAL A 233 16.51 18.55 36.89
N LEU A 234 15.84 17.41 36.86
CA LEU A 234 14.44 17.35 36.50
C LEU A 234 13.57 17.90 37.59
N ALA A 235 12.53 18.63 37.21
CA ALA A 235 11.61 19.16 38.21
C ALA A 235 10.96 18.04 38.99
N GLU A 236 10.69 16.95 38.29
CA GLU A 236 10.06 15.76 38.84
C GLU A 236 10.96 14.92 39.76
N ASP A 237 12.27 15.14 39.69
CA ASP A 237 13.24 14.37 40.44
C ASP A 237 14.50 15.18 40.63
N GLU A 238 14.68 15.73 41.81
CA GLU A 238 15.79 16.62 42.10
C GLU A 238 17.15 15.94 41.98
N GLU A 239 17.18 14.61 42.04
CA GLU A 239 18.43 13.89 41.95
C GLU A 239 18.73 13.39 40.54
N MET A 240 17.83 13.63 39.59
CA MET A 240 18.04 13.16 38.24
C MET A 240 18.52 14.28 37.33
N ASN A 241 19.74 14.12 36.84
CA ASN A 241 20.35 15.13 35.99
C ASN A 241 19.70 15.10 34.63
N ARG A 242 19.34 16.26 34.11
CA ARG A 242 18.75 16.36 32.80
C ARG A 242 19.62 15.79 31.72
N MET A 243 20.93 15.90 31.87
CA MET A 243 21.82 15.36 30.87
C MET A 243 21.79 13.85 30.87
N HIS A 244 21.57 13.21 32.02
CA HIS A 244 21.56 11.77 32.01
C HIS A 244 20.23 11.34 31.43
N ALA A 245 19.21 12.15 31.65
CA ALA A 245 17.92 11.84 31.10
C ALA A 245 18.01 11.86 29.57
N SER A 246 18.78 12.81 29.03
CA SER A 246 18.97 12.91 27.61
C SER A 246 19.71 11.69 27.09
N MET A 247 20.72 11.24 27.82
CA MET A 247 21.44 10.06 27.39
C MET A 247 20.57 8.82 27.41
N LYS A 248 19.71 8.69 28.42
CA LYS A 248 18.84 7.52 28.47
C LYS A 248 17.87 7.54 27.31
N LEU A 249 17.38 8.71 26.96
CA LEU A 249 16.46 8.81 25.85
C LEU A 249 17.18 8.48 24.56
N PHE A 250 18.40 9.00 24.40
CA PHE A 250 19.18 8.78 23.21
C PHE A 250 19.38 7.32 23.01
N ASP A 251 19.78 6.63 24.07
CA ASP A 251 20.04 5.21 23.99
C ASP A 251 18.78 4.42 23.67
N SER A 252 17.64 4.80 24.25
CA SER A 252 16.44 4.02 23.99
C SER A 252 16.02 4.07 22.54
N ILE A 253 16.38 5.12 21.82
CA ILE A 253 16.04 5.19 20.39
C ILE A 253 17.14 4.69 19.46
N CYS A 254 18.39 4.91 19.81
CA CYS A 254 19.49 4.50 18.94
C CYS A 254 19.56 3.01 18.76
N ASN A 255 19.32 2.27 19.82
CA ASN A 255 19.43 0.81 19.77
C ASN A 255 18.11 0.10 19.53
N ASN A 256 17.06 0.85 19.22
CA ASN A 256 15.74 0.26 19.01
C ASN A 256 15.75 -0.69 17.83
N LYS A 257 14.98 -1.77 17.89
CA LYS A 257 14.91 -2.73 16.79
C LYS A 257 14.50 -2.12 15.46
N TRP A 258 13.58 -1.17 15.49
CA TRP A 258 13.08 -0.58 14.27
C TRP A 258 14.07 0.36 13.63
N PHE A 259 15.03 0.82 14.41
CA PHE A 259 15.99 1.79 13.91
C PHE A 259 17.40 1.28 13.70
N THR A 260 17.55 -0.03 13.59
CA THR A 260 18.86 -0.64 13.38
C THR A 260 19.73 0.05 12.31
N ASP A 261 19.15 0.44 11.17
CA ASP A 261 19.96 1.06 10.16
C ASP A 261 19.63 2.52 9.87
N THR A 262 18.96 3.20 10.79
CA THR A 262 18.62 4.59 10.59
C THR A 262 19.59 5.46 11.34
N SER A 263 20.31 6.31 10.61
CA SER A 263 21.30 7.17 11.21
C SER A 263 20.72 8.29 12.04
N ILE A 264 21.53 8.89 12.89
CA ILE A 264 21.07 9.94 13.76
C ILE A 264 21.83 11.23 13.53
N ILE A 265 21.12 12.33 13.40
CA ILE A 265 21.76 13.63 13.28
C ILE A 265 21.61 14.21 14.66
N LEU A 266 22.71 14.54 15.32
CA LEU A 266 22.66 15.01 16.68
C LEU A 266 23.05 16.45 16.82
N PHE A 267 22.19 17.22 17.45
CA PHE A 267 22.49 18.60 17.70
C PHE A 267 22.73 18.84 19.15
N LEU A 268 23.91 19.35 19.44
CA LEU A 268 24.27 19.68 20.80
C LEU A 268 24.09 21.17 20.83
N ASN A 269 23.01 21.61 21.44
CA ASN A 269 22.62 22.99 21.36
C ASN A 269 23.09 23.83 22.53
N LYS A 270 22.77 25.12 22.45
CA LYS A 270 23.05 26.10 23.46
C LYS A 270 24.53 26.07 23.84
N LYS A 271 25.42 25.96 22.85
CA LYS A 271 26.84 25.90 23.13
C LYS A 271 27.37 27.15 23.77
N ASP A 272 26.69 28.26 23.59
CA ASP A 272 27.13 29.51 24.15
C ASP A 272 26.80 29.60 25.63
N LEU A 273 25.78 28.88 26.08
CA LEU A 273 25.45 28.97 27.47
C LEU A 273 26.32 27.98 28.15
N PHE A 274 26.65 26.91 27.44
CA PHE A 274 27.55 25.92 27.96
C PHE A 274 28.89 26.56 28.20
N GLU A 275 29.40 27.29 27.21
CA GLU A 275 30.69 27.94 27.41
C GLU A 275 30.66 28.89 28.60
N GLU A 276 29.57 29.64 28.76
CA GLU A 276 29.49 30.55 29.89
C GLU A 276 29.41 29.81 31.22
N LYS A 277 28.70 28.68 31.26
CA LYS A 277 28.56 27.96 32.51
C LYS A 277 29.71 27.02 32.89
N ILE A 278 30.43 26.46 31.93
CA ILE A 278 31.46 25.48 32.25
C ILE A 278 32.58 26.06 33.09
N LYS A 279 32.87 27.35 32.93
CA LYS A 279 33.91 27.98 33.73
C LYS A 279 33.58 28.06 35.23
N LYS A 280 32.32 27.84 35.57
CA LYS A 280 31.90 27.92 36.98
C LYS A 280 31.68 26.52 37.54
N SER A 281 30.89 25.72 36.84
CA SER A 281 30.62 24.37 37.30
C SER A 281 31.32 23.36 36.41
N PRO A 282 32.14 22.48 37.01
CA PRO A 282 32.84 21.45 36.25
C PRO A 282 31.88 20.39 35.74
N LEU A 283 32.22 19.67 34.68
CA LEU A 283 31.34 18.61 34.23
C LEU A 283 31.22 17.47 35.20
N THR A 284 32.05 17.44 36.23
CA THR A 284 32.06 16.38 37.21
C THR A 284 30.79 16.38 38.03
N ILE A 285 30.00 17.44 37.92
CA ILE A 285 28.70 17.54 38.53
C ILE A 285 27.75 16.51 37.90
N CYS A 286 28.05 16.12 36.67
CA CYS A 286 27.22 15.14 35.95
C CYS A 286 28.09 13.97 35.58
N TYR A 287 29.36 14.24 35.25
CA TYR A 287 30.30 13.18 34.90
C TYR A 287 31.45 13.10 35.94
N PRO A 288 31.23 12.49 37.14
CA PRO A 288 32.29 12.48 38.13
C PRO A 288 33.60 11.93 37.58
N GLU A 289 33.51 11.04 36.58
CA GLU A 289 34.67 10.44 35.96
C GLU A 289 35.46 11.38 35.06
N TYR A 290 34.90 12.54 34.73
CA TYR A 290 35.57 13.49 33.84
C TYR A 290 36.83 14.01 34.47
N ALA A 291 37.90 14.03 33.70
CA ALA A 291 39.16 14.52 34.21
C ALA A 291 39.90 15.33 33.17
N GLY A 292 39.26 16.40 32.74
CA GLY A 292 39.81 17.29 31.73
C GLY A 292 39.73 18.69 32.30
N SER A 293 40.03 19.69 31.48
CA SER A 293 39.97 21.06 31.95
C SER A 293 38.57 21.58 31.85
N ASN A 294 38.27 22.68 32.54
CA ASN A 294 36.96 23.29 32.40
C ASN A 294 36.99 24.30 31.27
N THR A 295 37.30 23.81 30.06
CA THR A 295 37.32 24.68 28.89
C THR A 295 36.23 24.15 27.99
N TYR A 296 35.60 25.03 27.23
CA TYR A 296 34.49 24.61 26.38
C TYR A 296 34.96 23.60 25.38
N GLU A 297 36.13 23.80 24.81
CA GLU A 297 36.62 22.91 23.77
C GLU A 297 36.89 21.48 24.21
N GLU A 298 36.96 21.21 25.51
CA GLU A 298 37.31 19.87 25.92
C GLU A 298 36.09 19.21 26.48
N ALA A 299 35.34 19.97 27.26
CA ALA A 299 34.17 19.45 27.88
C ALA A 299 33.15 19.06 26.82
N ALA A 300 33.02 19.90 25.80
CA ALA A 300 32.03 19.64 24.76
C ALA A 300 32.39 18.40 23.97
N ALA A 301 33.67 18.25 23.67
CA ALA A 301 34.12 17.06 22.97
C ALA A 301 33.84 15.82 23.80
N TYR A 302 34.06 15.91 25.11
CA TYR A 302 33.79 14.78 25.99
C TYR A 302 32.33 14.39 26.00
N ILE A 303 31.44 15.38 26.03
CA ILE A 303 30.01 15.10 26.01
C ILE A 303 29.65 14.44 24.68
N GLN A 304 30.23 14.94 23.61
CA GLN A 304 29.97 14.36 22.29
C GLN A 304 30.36 12.91 22.30
N CYS A 305 31.52 12.58 22.88
CA CYS A 305 31.97 11.23 22.88
C CYS A 305 31.02 10.35 23.67
N GLN A 306 30.58 10.82 24.82
CA GLN A 306 29.71 9.97 25.59
C GLN A 306 28.40 9.67 24.89
N PHE A 307 27.89 10.56 24.05
CA PHE A 307 26.70 10.21 23.30
C PHE A 307 27.03 9.22 22.20
N GLU A 308 28.15 9.42 21.52
CA GLU A 308 28.55 8.53 20.43
C GLU A 308 28.82 7.12 20.94
N ASP A 309 29.30 7.01 22.16
CA ASP A 309 29.63 5.75 22.79
C ASP A 309 28.41 4.92 23.15
N LEU A 310 27.22 5.48 23.01
CA LEU A 310 25.99 4.75 23.29
C LEU A 310 25.47 3.97 22.08
N ASN A 311 26.26 3.91 21.02
CA ASN A 311 25.81 3.24 19.81
C ASN A 311 26.34 1.82 19.77
N LYS A 312 25.47 0.85 19.98
CA LYS A 312 25.88 -0.55 19.87
C LYS A 312 26.22 -0.94 18.44
N ARG A 313 25.43 -0.46 17.49
CA ARG A 313 25.64 -0.81 16.08
C ARG A 313 26.56 0.18 15.39
N LYS A 314 27.79 0.27 15.87
CA LYS A 314 28.75 1.20 15.27
C LYS A 314 29.10 0.85 13.84
N ASP A 315 28.95 -0.42 13.51
CA ASP A 315 29.27 -0.95 12.21
C ASP A 315 28.10 -0.95 11.25
N THR A 316 26.97 -0.35 11.67
CA THR A 316 25.76 -0.33 10.84
C THR A 316 25.16 1.08 10.67
N LYS A 317 25.20 1.90 11.71
CA LYS A 317 24.59 3.23 11.65
C LYS A 317 25.56 4.33 12.03
N GLU A 318 25.27 5.56 11.61
CA GLU A 318 26.20 6.64 11.85
C GLU A 318 25.60 7.81 12.62
N ILE A 319 26.40 8.44 13.48
CA ILE A 319 25.94 9.60 14.22
C ILE A 319 26.67 10.85 13.76
N TYR A 320 25.95 11.79 13.15
CA TYR A 320 26.53 13.03 12.68
C TYR A 320 26.38 14.04 13.78
N THR A 321 27.43 14.71 14.20
CA THR A 321 27.27 15.66 15.30
C THR A 321 27.63 17.07 14.93
N HIS A 322 26.76 18.02 15.31
CA HIS A 322 27.00 19.43 15.06
C HIS A 322 26.68 20.26 16.29
N PHE A 323 27.69 20.92 16.86
CA PHE A 323 27.46 21.81 17.99
C PHE A 323 26.74 23.05 17.48
N THR A 324 25.70 23.50 18.19
CA THR A 324 24.91 24.61 17.66
C THR A 324 24.43 25.64 18.69
N CYS A 325 23.81 26.71 18.23
CA CYS A 325 23.32 27.80 19.07
C CYS A 325 22.11 28.43 18.41
N SER A 326 21.51 29.41 19.06
CA SER A 326 20.33 30.10 18.56
C SER A 326 20.59 30.96 17.31
N THR A 327 21.85 31.30 17.07
CA THR A 327 22.25 32.12 15.93
C THR A 327 23.18 31.32 15.05
N ASP A 328 22.62 30.36 14.34
CA ASP A 328 23.40 29.44 13.52
C ASP A 328 22.64 29.13 12.25
N THR A 329 23.12 29.68 11.15
CA THR A 329 22.43 29.56 9.87
C THR A 329 22.95 28.36 9.08
N LYS A 330 23.90 27.63 9.66
CA LYS A 330 24.51 26.50 8.99
C LYS A 330 23.79 25.20 9.27
N ASN A 331 22.78 25.25 10.12
CA ASN A 331 22.08 24.04 10.50
C ASN A 331 21.34 23.41 9.33
N VAL A 332 20.87 24.22 8.39
CA VAL A 332 20.17 23.63 7.28
C VAL A 332 21.14 22.90 6.39
N GLN A 333 22.28 23.52 6.11
CA GLN A 333 23.24 22.88 5.23
C GLN A 333 23.74 21.61 5.87
N PHE A 334 23.92 21.63 7.18
CA PHE A 334 24.38 20.45 7.88
C PHE A 334 23.41 19.30 7.73
N VAL A 335 22.12 19.55 7.95
CA VAL A 335 21.17 18.47 7.80
C VAL A 335 21.16 17.99 6.38
N PHE A 336 21.19 18.91 5.43
CA PHE A 336 21.18 18.57 4.03
C PHE A 336 22.32 17.64 3.69
N ASP A 337 23.54 17.97 4.13
CA ASP A 337 24.68 17.15 3.81
C ASP A 337 24.58 15.80 4.47
N ALA A 338 24.12 15.76 5.73
CA ALA A 338 24.01 14.49 6.41
C ALA A 338 23.00 13.60 5.71
N VAL A 339 21.90 14.17 5.26
CA VAL A 339 20.89 13.40 4.56
C VAL A 339 21.41 12.89 3.26
N THR A 340 22.16 13.73 2.56
CA THR A 340 22.72 13.34 1.29
C THR A 340 23.60 12.12 1.47
N ASP A 341 24.46 12.12 2.50
CA ASP A 341 25.29 10.95 2.72
C ASP A 341 24.48 9.72 3.05
N VAL A 342 23.40 9.89 3.80
CA VAL A 342 22.59 8.74 4.15
C VAL A 342 21.93 8.13 2.95
N ILE A 343 21.45 8.95 2.02
CA ILE A 343 20.77 8.44 0.84
C ILE A 343 21.74 7.72 -0.10
N ILE A 344 22.88 8.34 -0.39
CA ILE A 344 23.87 7.74 -1.28
C ILE A 344 24.42 6.45 -0.71
N LYS A 345 24.72 6.43 0.58
CA LYS A 345 25.24 5.22 1.21
C LYS A 345 24.24 4.09 1.15
N ASN A 346 22.96 4.41 1.32
CA ASN A 346 21.93 3.38 1.23
C ASN A 346 21.66 2.95 -0.18
N ASN A 347 21.77 3.86 -1.15
CA ASN A 347 21.61 3.43 -2.53
C ASN A 347 22.76 2.54 -2.91
N LEU A 348 23.96 2.85 -2.42
CA LEU A 348 25.06 2.00 -2.74
C LEU A 348 24.89 0.65 -2.09
N LYS A 349 24.41 0.57 -0.87
CA LYS A 349 24.28 -0.74 -0.27
C LYS A 349 23.43 -1.67 -1.16
N ASP A 350 22.37 -1.13 -1.74
CA ASP A 350 21.47 -1.89 -2.61
C ASP A 350 22.05 -2.23 -3.98
N CYS A 351 23.17 -1.61 -4.34
CA CYS A 351 23.85 -1.93 -5.61
C CYS A 351 24.95 -2.95 -5.34
N GLY A 352 25.03 -3.43 -4.11
CA GLY A 352 26.01 -4.42 -3.75
C GLY A 352 27.35 -3.87 -3.32
N LEU A 353 27.48 -2.56 -3.28
CA LEU A 353 28.72 -1.94 -2.87
C LEU A 353 28.54 -1.26 -1.53
N PHE A 354 29.37 -1.58 -0.55
CA PHE A 354 29.18 -1.03 0.78
C PHE A 354 30.09 0.18 1.02
N SER B 20 -4.55 5.62 59.27
CA SER B 20 -4.32 5.94 57.86
C SER B 20 -5.46 5.50 56.98
N GLU B 21 -6.26 6.46 56.53
CA GLU B 21 -7.38 6.12 55.67
C GLU B 21 -6.88 5.38 54.47
N LEU B 22 -5.76 5.83 53.90
CA LEU B 22 -5.26 5.21 52.67
C LEU B 22 -4.90 3.75 52.86
N ASP B 23 -4.22 3.43 53.95
CA ASP B 23 -3.82 2.05 54.19
C ASP B 23 -5.06 1.19 54.35
N GLN B 24 -6.04 1.71 55.08
CA GLN B 24 -7.24 0.93 55.33
C GLN B 24 -7.93 0.67 54.02
N LEU B 25 -8.01 1.67 53.16
CA LEU B 25 -8.66 1.51 51.87
C LEU B 25 -7.95 0.48 51.01
N ARG B 26 -6.61 0.51 51.01
CA ARG B 26 -5.87 -0.48 50.26
C ARG B 26 -6.12 -1.90 50.78
N GLN B 27 -6.18 -2.05 52.11
CA GLN B 27 -6.46 -3.36 52.67
C GLN B 27 -7.85 -3.83 52.27
N GLU B 28 -8.80 -2.89 52.25
CA GLU B 28 -10.17 -3.23 51.90
C GLU B 28 -10.20 -3.68 50.45
N ALA B 29 -9.44 -3.00 49.60
CA ALA B 29 -9.38 -3.36 48.20
C ALA B 29 -8.81 -4.76 48.04
N GLU B 30 -7.77 -5.07 48.80
CA GLU B 30 -7.20 -6.40 48.73
C GLU B 30 -8.22 -7.46 49.16
N GLN B 31 -8.96 -7.16 50.22
CA GLN B 31 -9.99 -8.11 50.66
C GLN B 31 -11.06 -8.31 49.60
N LEU B 32 -11.47 -7.24 48.93
CA LEU B 32 -12.46 -7.34 47.87
C LEU B 32 -11.94 -8.17 46.72
N LYS B 33 -10.67 -8.00 46.38
CA LYS B 33 -10.07 -8.80 45.32
C LYS B 33 -10.07 -10.26 45.72
N ASN B 34 -9.79 -10.53 46.99
CA ASN B 34 -9.83 -11.91 47.47
C ASN B 34 -11.24 -12.52 47.33
N GLN B 35 -12.27 -11.70 47.51
CA GLN B 35 -13.64 -12.21 47.38
C GLN B 35 -13.96 -12.52 45.94
N ILE B 36 -13.49 -11.67 45.03
CA ILE B 36 -13.74 -11.88 43.62
C ILE B 36 -13.02 -13.13 43.16
N ARG B 37 -11.77 -13.30 43.58
CA ARG B 37 -11.04 -14.49 43.19
C ARG B 37 -11.76 -15.75 43.62
N ASP B 38 -12.25 -15.77 44.87
CA ASP B 38 -12.93 -16.95 45.35
C ASP B 38 -14.28 -17.15 44.67
N ALA B 39 -14.99 -16.06 44.40
CA ALA B 39 -16.24 -16.19 43.69
C ALA B 39 -15.95 -16.95 42.40
N ARG B 40 -14.87 -16.58 41.73
CA ARG B 40 -14.49 -17.27 40.50
C ARG B 40 -14.06 -18.74 40.62
N LYS B 41 -13.26 -19.08 41.63
CA LYS B 41 -12.77 -20.45 41.74
C LYS B 41 -13.93 -21.32 42.12
N ALA B 42 -15.00 -20.68 42.57
CA ALA B 42 -16.19 -21.40 42.98
C ALA B 42 -17.05 -21.84 41.80
N CYS B 43 -16.85 -21.23 40.64
CA CYS B 43 -17.64 -21.55 39.48
C CYS B 43 -16.93 -22.59 38.60
N ALA B 44 -15.68 -22.89 38.92
CA ALA B 44 -14.86 -23.73 38.06
C ALA B 44 -15.00 -25.21 38.35
N ASP B 45 -16.17 -25.78 38.06
CA ASP B 45 -16.39 -27.20 38.30
C ASP B 45 -15.69 -28.07 37.26
N ALA B 46 -15.64 -27.56 36.05
CA ALA B 46 -15.09 -28.24 34.90
C ALA B 46 -14.70 -27.19 33.89
N THR B 47 -13.85 -27.52 32.96
CA THR B 47 -13.54 -26.53 31.95
C THR B 47 -14.03 -26.84 30.56
N LEU B 48 -13.82 -25.89 29.66
CA LEU B 48 -14.29 -26.01 28.28
C LEU B 48 -13.58 -27.15 27.61
N SER B 49 -12.31 -27.33 27.91
CA SER B 49 -11.50 -28.36 27.29
C SER B 49 -11.93 -29.76 27.72
N GLN B 50 -12.78 -29.88 28.74
CA GLN B 50 -13.23 -31.18 29.16
C GLN B 50 -14.62 -31.42 28.60
N ILE B 51 -15.47 -30.40 28.66
CA ILE B 51 -16.84 -30.57 28.24
C ILE B 51 -16.91 -30.78 26.73
N THR B 52 -15.93 -30.26 25.98
CA THR B 52 -15.91 -30.39 24.54
C THR B 52 -15.15 -31.64 24.06
N ASN B 53 -14.69 -32.51 24.96
CA ASN B 53 -13.95 -33.67 24.47
C ASN B 53 -14.78 -34.60 23.59
N ASN B 54 -16.10 -34.59 23.74
CA ASN B 54 -16.94 -35.43 22.94
C ASN B 54 -17.43 -34.72 21.68
N ILE B 55 -16.88 -33.54 21.41
CA ILE B 55 -17.23 -32.80 20.22
C ILE B 55 -16.24 -33.12 19.14
N ASP B 56 -16.75 -33.54 18.00
CA ASP B 56 -15.94 -33.90 16.87
C ASP B 56 -15.14 -32.69 16.45
N PRO B 57 -13.88 -32.85 16.05
CA PRO B 57 -12.99 -31.79 15.61
C PRO B 57 -13.45 -31.25 14.31
N VAL B 58 -13.14 -29.99 14.04
CA VAL B 58 -13.50 -29.45 12.74
C VAL B 58 -12.82 -30.17 11.61
N GLY B 59 -11.53 -30.46 11.76
CA GLY B 59 -10.78 -31.05 10.67
C GLY B 59 -9.98 -29.95 10.00
N ARG B 60 -9.08 -30.32 9.10
CA ARG B 60 -8.22 -29.31 8.49
C ARG B 60 -9.02 -28.31 7.67
N ILE B 61 -8.69 -27.04 7.81
CA ILE B 61 -9.38 -26.01 7.04
C ILE B 61 -8.37 -25.46 6.05
N GLN B 62 -8.68 -25.56 4.78
CA GLN B 62 -7.81 -25.01 3.76
C GLN B 62 -8.54 -23.93 3.01
N MET B 63 -7.94 -22.76 2.93
CA MET B 63 -8.58 -21.65 2.27
C MET B 63 -7.67 -21.11 1.21
N ARG B 64 -8.23 -20.74 0.08
CA ARG B 64 -7.42 -20.26 -1.02
C ARG B 64 -7.62 -18.79 -1.20
N THR B 65 -6.63 -18.10 -1.74
CA THR B 65 -6.81 -16.69 -2.00
C THR B 65 -7.64 -16.59 -3.24
N ARG B 66 -8.70 -15.82 -3.17
CA ARG B 66 -9.57 -15.65 -4.31
C ARG B 66 -9.37 -14.30 -4.95
N ARG B 67 -9.06 -13.30 -4.14
CA ARG B 67 -8.85 -11.96 -4.69
C ARG B 67 -7.65 -11.32 -4.04
N THR B 68 -6.87 -10.59 -4.82
CA THR B 68 -5.78 -9.80 -4.27
C THR B 68 -6.06 -8.37 -4.62
N LEU B 69 -6.04 -7.52 -3.63
CA LEU B 69 -6.34 -6.13 -3.85
C LEU B 69 -5.07 -5.32 -3.77
N ARG B 70 -4.78 -4.63 -4.86
CA ARG B 70 -3.55 -3.88 -5.00
C ARG B 70 -3.83 -2.42 -5.17
N GLY B 71 -2.97 -1.55 -4.66
CA GLY B 71 -3.19 -0.12 -4.75
C GLY B 71 -2.43 0.70 -3.75
N HIS B 72 -2.40 0.25 -2.50
CA HIS B 72 -1.67 0.94 -1.46
C HIS B 72 -0.17 0.87 -1.69
N LEU B 73 0.54 1.93 -1.34
CA LEU B 73 1.98 1.99 -1.54
C LEU B 73 2.63 2.09 -0.19
N ALA B 74 1.95 1.59 0.83
CA ALA B 74 2.44 1.65 2.19
C ALA B 74 1.77 0.62 3.08
N LYS B 75 2.39 0.41 4.22
CA LYS B 75 1.87 -0.50 5.22
C LYS B 75 0.42 -0.22 5.55
N ILE B 76 -0.36 -1.30 5.57
CA ILE B 76 -1.76 -1.24 5.92
C ILE B 76 -1.93 -1.39 7.40
N TYR B 77 -2.68 -0.50 8.00
CA TYR B 77 -2.85 -0.54 9.44
C TYR B 77 -4.22 -1.05 9.83
N ALA B 78 -5.22 -0.71 9.04
CA ALA B 78 -6.57 -1.12 9.36
C ALA B 78 -7.45 -1.43 8.18
N MET B 79 -8.45 -2.27 8.37
CA MET B 79 -9.41 -2.56 7.32
C MET B 79 -10.75 -2.75 7.99
N HIS B 80 -11.83 -2.46 7.28
CA HIS B 80 -13.16 -2.72 7.82
C HIS B 80 -14.08 -3.21 6.72
N TRP B 81 -15.03 -4.06 7.06
CA TRP B 81 -15.95 -4.59 6.09
C TRP B 81 -17.28 -3.91 6.23
N GLY B 82 -17.90 -3.54 5.12
CA GLY B 82 -19.24 -2.99 5.17
C GLY B 82 -20.26 -4.07 5.47
N THR B 83 -21.41 -3.69 5.99
CA THR B 83 -22.45 -4.65 6.35
C THR B 83 -22.99 -5.45 5.16
N ASP B 84 -23.01 -4.87 3.97
CA ASP B 84 -23.43 -5.57 2.77
C ASP B 84 -22.51 -6.75 2.45
N SER B 85 -21.26 -6.73 2.91
CA SER B 85 -20.29 -7.81 2.70
C SER B 85 -19.63 -7.79 1.34
N ARG B 86 -19.80 -6.69 0.62
CA ARG B 86 -19.16 -6.54 -0.66
C ARG B 86 -18.16 -5.40 -0.64
N LEU B 87 -18.33 -4.47 0.28
CA LEU B 87 -17.48 -3.27 0.28
C LEU B 87 -16.56 -3.21 1.47
N LEU B 88 -15.31 -2.83 1.23
CA LEU B 88 -14.33 -2.80 2.29
C LEU B 88 -13.56 -1.48 2.34
N VAL B 89 -13.22 -1.00 3.52
CA VAL B 89 -12.38 0.20 3.63
C VAL B 89 -11.03 -0.20 4.16
N SER B 90 -9.96 0.35 3.60
CA SER B 90 -8.63 0.05 4.08
C SER B 90 -7.88 1.33 4.28
N ALA B 91 -6.95 1.35 5.23
CA ALA B 91 -6.15 2.52 5.51
C ALA B 91 -4.67 2.22 5.41
N SER B 92 -3.91 3.13 4.81
CA SER B 92 -2.46 2.96 4.74
C SER B 92 -1.73 4.22 5.11
N GLN B 93 -0.44 4.09 5.43
CA GLN B 93 0.34 5.23 5.88
C GLN B 93 0.79 6.14 4.76
N ASP B 94 0.15 6.05 3.60
CA ASP B 94 0.44 6.98 2.52
C ASP B 94 -0.65 8.03 2.49
N GLY B 95 -1.45 8.09 3.55
CA GLY B 95 -2.51 9.07 3.64
C GLY B 95 -3.73 8.86 2.78
N LYS B 96 -4.06 7.61 2.51
CA LYS B 96 -5.25 7.32 1.72
C LYS B 96 -6.16 6.21 2.21
N LEU B 97 -7.46 6.47 2.28
CA LEU B 97 -8.38 5.40 2.54
C LEU B 97 -8.86 4.95 1.20
N ILE B 98 -9.09 3.68 1.04
CA ILE B 98 -9.65 3.20 -0.19
C ILE B 98 -10.90 2.40 0.07
N ILE B 99 -11.96 2.65 -0.69
CA ILE B 99 -13.14 1.81 -0.59
C ILE B 99 -13.05 0.87 -1.77
N TRP B 100 -13.24 -0.42 -1.55
CA TRP B 100 -13.08 -1.40 -2.61
C TRP B 100 -14.28 -2.27 -2.81
N ASP B 101 -14.56 -2.62 -4.04
CA ASP B 101 -15.63 -3.57 -4.30
C ASP B 101 -14.83 -4.83 -4.27
N SER B 102 -15.10 -5.72 -3.32
CA SER B 102 -14.31 -6.93 -3.20
C SER B 102 -14.54 -7.87 -4.36
N TYR B 103 -15.77 -7.93 -4.86
CA TYR B 103 -16.12 -8.85 -5.94
C TYR B 103 -15.39 -8.55 -7.24
N THR B 104 -15.24 -7.29 -7.61
CA THR B 104 -14.60 -6.92 -8.87
C THR B 104 -13.22 -6.30 -8.69
N THR B 105 -12.75 -6.11 -7.46
CA THR B 105 -11.44 -5.54 -7.14
C THR B 105 -11.33 -4.08 -7.53
N ASN B 106 -12.40 -3.52 -8.08
CA ASN B 106 -12.41 -2.14 -8.47
C ASN B 106 -12.40 -1.22 -7.29
N LYS B 107 -11.72 -0.10 -7.44
CA LYS B 107 -11.76 0.89 -6.40
C LYS B 107 -13.00 1.69 -6.61
N VAL B 108 -13.65 2.07 -5.52
CA VAL B 108 -14.83 2.88 -5.61
C VAL B 108 -14.42 4.29 -5.26
N HIS B 109 -13.71 4.44 -4.18
CA HIS B 109 -13.27 5.78 -3.81
C HIS B 109 -11.88 5.72 -3.28
N ALA B 110 -11.18 6.84 -3.40
CA ALA B 110 -9.90 6.99 -2.75
C ALA B 110 -9.98 8.33 -2.08
N ILE B 111 -9.77 8.33 -0.78
CA ILE B 111 -9.93 9.51 0.03
C ILE B 111 -8.61 9.96 0.59
N PRO B 112 -8.09 11.13 0.21
CA PRO B 112 -6.84 11.63 0.74
C PRO B 112 -7.11 12.04 2.16
N LEU B 113 -6.15 11.87 3.02
CA LEU B 113 -6.28 12.29 4.40
C LEU B 113 -5.45 13.53 4.68
N ARG B 114 -5.86 14.26 5.71
CA ARG B 114 -5.14 15.45 6.15
C ARG B 114 -3.82 15.12 6.82
N SER B 115 -3.65 13.88 7.21
CA SER B 115 -2.44 13.39 7.83
C SER B 115 -2.27 11.94 7.41
N SER B 116 -1.05 11.48 7.33
CA SER B 116 -0.82 10.09 6.98
C SER B 116 -0.77 9.14 8.14
N TRP B 117 -0.76 9.66 9.34
CA TRP B 117 -0.58 8.80 10.48
C TRP B 117 -1.88 8.20 10.95
N VAL B 118 -2.37 7.28 10.16
CA VAL B 118 -3.66 6.64 10.40
C VAL B 118 -3.45 5.26 10.94
N MET B 119 -4.12 4.94 12.03
CA MET B 119 -3.97 3.64 12.65
C MET B 119 -5.26 2.87 12.73
N THR B 120 -6.38 3.55 12.62
CA THR B 120 -7.67 2.91 12.70
C THR B 120 -8.62 3.51 11.72
N CYS B 121 -9.54 2.68 11.20
CA CYS B 121 -10.56 3.12 10.25
C CYS B 121 -11.82 2.32 10.52
N ALA B 122 -12.99 2.88 10.26
CA ALA B 122 -14.25 2.17 10.44
C ALA B 122 -15.25 2.49 9.34
N TYR B 123 -16.20 1.60 9.12
CA TYR B 123 -17.24 1.82 8.11
C TYR B 123 -18.55 1.87 8.87
N ALA B 124 -19.39 2.85 8.57
CA ALA B 124 -20.69 2.94 9.22
C ALA B 124 -21.52 1.75 8.83
N PRO B 125 -22.38 1.27 9.74
CA PRO B 125 -23.26 0.16 9.39
C PRO B 125 -24.17 0.49 8.22
N SER B 126 -24.72 1.69 8.16
CA SER B 126 -25.54 2.11 7.03
C SER B 126 -24.76 2.15 5.72
N GLY B 127 -23.52 2.61 5.79
CA GLY B 127 -22.69 2.71 4.60
C GLY B 127 -22.54 4.15 4.22
N ASN B 128 -23.06 5.06 5.05
CA ASN B 128 -23.02 6.47 4.73
C ASN B 128 -21.73 7.17 5.12
N TYR B 129 -21.06 6.66 6.14
CA TYR B 129 -19.88 7.34 6.65
C TYR B 129 -18.70 6.44 6.87
N VAL B 130 -17.53 7.05 6.79
CA VAL B 130 -16.27 6.39 7.11
C VAL B 130 -15.49 7.19 8.12
N ALA B 131 -14.99 6.54 9.14
CA ALA B 131 -14.22 7.23 10.15
C ALA B 131 -12.79 6.76 10.16
N CYS B 132 -11.86 7.64 10.51
CA CYS B 132 -10.48 7.21 10.70
C CYS B 132 -9.65 8.15 11.52
N GLY B 133 -8.50 7.67 11.97
CA GLY B 133 -7.56 8.54 12.68
C GLY B 133 -6.36 7.80 13.24
N GLY B 134 -5.54 8.51 14.02
CA GLY B 134 -4.30 7.96 14.60
C GLY B 134 -3.46 8.96 15.42
N LEU B 135 -2.32 9.40 14.88
CA LEU B 135 -1.35 10.15 15.72
C LEU B 135 -1.63 11.63 15.83
N ASP B 136 -2.74 12.06 15.28
CA ASP B 136 -3.19 13.43 15.34
C ASP B 136 -3.97 13.62 16.62
N ASN B 137 -4.36 12.50 17.22
CA ASN B 137 -5.21 12.41 18.39
C ASN B 137 -6.64 12.82 18.09
N ILE B 138 -7.04 12.84 16.82
CA ILE B 138 -8.42 13.16 16.50
C ILE B 138 -9.03 12.12 15.59
N CYS B 139 -10.35 12.07 15.58
CA CYS B 139 -11.09 11.18 14.69
C CYS B 139 -11.82 11.95 13.60
N SER B 140 -11.56 11.62 12.36
CA SER B 140 -12.22 12.33 11.26
C SER B 140 -13.33 11.49 10.69
N ILE B 141 -14.46 12.14 10.40
CA ILE B 141 -15.57 11.43 9.79
C ILE B 141 -15.90 11.98 8.42
N TYR B 142 -15.90 11.09 7.45
CA TYR B 142 -16.16 11.38 6.06
C TYR B 142 -17.55 10.98 5.63
N ASN B 143 -18.17 11.84 4.83
CA ASN B 143 -19.49 11.62 4.25
C ASN B 143 -19.37 11.09 2.84
N LEU B 144 -19.80 9.86 2.62
CA LEU B 144 -19.64 9.24 1.32
C LEU B 144 -20.79 9.52 0.36
N LYS B 145 -21.84 10.15 0.83
CA LYS B 145 -23.01 10.39 0.00
C LYS B 145 -23.26 11.88 -0.15
N THR B 146 -22.77 12.46 -1.23
CA THR B 146 -22.86 13.90 -1.39
C THR B 146 -23.47 14.27 -2.73
N ARG B 147 -23.91 15.51 -2.84
CA ARG B 147 -24.46 16.05 -4.07
C ARG B 147 -23.38 16.45 -5.03
N GLU B 148 -22.26 16.92 -4.48
CA GLU B 148 -21.13 17.34 -5.25
C GLU B 148 -20.52 16.13 -5.94
N GLY B 149 -20.56 15.00 -5.28
CA GLY B 149 -20.03 13.75 -5.80
C GLY B 149 -18.71 13.35 -5.21
N ASN B 150 -18.02 14.28 -4.58
CA ASN B 150 -16.77 13.95 -3.96
C ASN B 150 -17.00 13.64 -2.49
N VAL B 151 -16.06 12.94 -1.88
CA VAL B 151 -16.14 12.60 -0.47
C VAL B 151 -15.65 13.77 0.36
N ARG B 152 -16.39 14.11 1.40
CA ARG B 152 -16.03 15.26 2.23
C ARG B 152 -15.92 14.96 3.71
N VAL B 153 -15.12 15.73 4.42
CA VAL B 153 -15.09 15.56 5.87
C VAL B 153 -16.34 16.22 6.39
N SER B 154 -17.13 15.50 7.17
CA SER B 154 -18.34 16.08 7.69
C SER B 154 -18.06 16.70 9.03
N ARG B 155 -17.13 16.08 9.74
CA ARG B 155 -16.78 16.52 11.06
C ARG B 155 -15.44 15.98 11.53
N GLU B 156 -14.85 16.67 12.50
CA GLU B 156 -13.69 16.16 13.20
C GLU B 156 -13.98 16.16 14.70
N LEU B 157 -13.62 15.07 15.35
CA LEU B 157 -13.83 14.91 16.76
C LEU B 157 -12.53 15.00 17.51
N ALA B 158 -12.44 15.94 18.43
CA ALA B 158 -11.20 16.13 19.15
C ALA B 158 -11.47 16.34 20.61
N GLY B 159 -10.54 15.90 21.45
CA GLY B 159 -10.69 16.02 22.89
C GLY B 159 -9.87 14.92 23.53
N HIS B 160 -9.35 14.04 22.70
CA HIS B 160 -8.45 13.02 23.18
C HIS B 160 -7.08 13.62 23.31
N THR B 161 -6.29 13.11 24.24
CA THR B 161 -4.94 13.64 24.39
C THR B 161 -3.86 12.66 23.99
N GLY B 162 -4.27 11.51 23.50
CA GLY B 162 -3.32 10.49 23.08
C GLY B 162 -3.68 10.08 21.70
N TYR B 163 -2.95 9.14 21.15
CA TYR B 163 -3.26 8.73 19.80
C TYR B 163 -4.53 7.96 19.79
N LEU B 164 -5.21 7.97 18.67
CA LEU B 164 -6.44 7.24 18.55
C LEU B 164 -6.15 5.84 18.08
N SER B 165 -6.51 4.86 18.89
CA SER B 165 -6.21 3.48 18.58
C SER B 165 -7.33 2.70 17.93
N CYS B 166 -8.57 3.13 18.15
CA CYS B 166 -9.68 2.38 17.57
C CYS B 166 -10.98 3.15 17.46
N CYS B 167 -11.70 3.00 16.36
CA CYS B 167 -13.00 3.67 16.16
C CYS B 167 -14.07 2.69 15.78
N ARG B 168 -15.24 2.74 16.40
CA ARG B 168 -16.37 1.90 16.00
C ARG B 168 -17.66 2.70 15.99
N PHE B 169 -18.50 2.50 14.98
CA PHE B 169 -19.76 3.23 14.90
C PHE B 169 -20.87 2.45 15.54
N LEU B 170 -21.73 3.12 16.30
CA LEU B 170 -22.90 2.44 16.86
C LEU B 170 -24.04 2.68 15.89
N ASP B 171 -24.07 3.90 15.35
CA ASP B 171 -25.08 4.33 14.41
C ASP B 171 -24.55 5.57 13.71
N ASP B 172 -25.28 6.16 12.79
CA ASP B 172 -24.71 7.33 12.12
C ASP B 172 -24.38 8.48 13.04
N ASN B 173 -25.06 8.64 14.18
CA ASN B 173 -24.75 9.77 15.03
C ASN B 173 -23.87 9.42 16.21
N GLN B 174 -23.43 8.18 16.33
CA GLN B 174 -22.63 7.86 17.50
C GLN B 174 -21.45 6.99 17.19
N ILE B 175 -20.32 7.42 17.70
CA ILE B 175 -19.09 6.70 17.50
C ILE B 175 -18.35 6.55 18.80
N VAL B 176 -17.74 5.41 19.00
CA VAL B 176 -16.95 5.18 20.18
C VAL B 176 -15.52 5.04 19.80
N THR B 177 -14.69 5.70 20.57
CA THR B 177 -13.27 5.68 20.34
C THR B 177 -12.48 5.23 21.54
N SER B 178 -11.25 4.76 21.28
CA SER B 178 -10.33 4.38 22.34
C SER B 178 -9.03 5.07 22.05
N SER B 179 -8.31 5.49 23.08
CA SER B 179 -7.08 6.24 22.87
C SER B 179 -5.96 5.93 23.82
N GLY B 180 -4.74 6.29 23.45
CA GLY B 180 -3.61 6.11 24.34
C GLY B 180 -3.62 7.01 25.56
N ASP B 181 -4.61 7.90 25.69
CA ASP B 181 -4.71 8.70 26.89
C ASP B 181 -5.31 7.88 28.02
N THR B 182 -5.47 6.57 27.76
CA THR B 182 -5.99 5.53 28.63
C THR B 182 -7.50 5.50 28.75
N THR B 183 -8.18 6.40 28.05
CA THR B 183 -9.63 6.47 28.14
C THR B 183 -10.36 6.11 26.87
N CYS B 184 -11.64 5.76 27.00
CA CYS B 184 -12.46 5.46 25.85
C CYS B 184 -13.60 6.45 25.91
N ALA B 185 -14.07 6.94 24.79
CA ALA B 185 -15.10 7.96 24.80
C ALA B 185 -16.21 7.78 23.80
N LEU B 186 -17.44 8.05 24.21
CA LEU B 186 -18.56 8.01 23.29
C LEU B 186 -18.86 9.41 22.83
N TRP B 187 -18.84 9.57 21.52
CA TRP B 187 -19.04 10.85 20.87
C TRP B 187 -20.37 10.97 20.14
N ASP B 188 -20.95 12.17 20.20
CA ASP B 188 -22.16 12.52 19.45
C ASP B 188 -21.78 13.34 18.25
N ILE B 189 -21.86 12.71 17.10
CA ILE B 189 -21.40 13.20 15.83
C ILE B 189 -22.11 14.46 15.38
N GLU B 190 -23.34 14.66 15.81
CA GLU B 190 -24.04 15.85 15.37
C GLU B 190 -23.49 17.13 15.97
N THR B 191 -22.94 17.04 17.19
CA THR B 191 -22.46 18.23 17.86
C THR B 191 -20.95 18.21 18.03
N GLY B 192 -20.33 17.04 17.86
CA GLY B 192 -18.91 16.88 18.01
C GLY B 192 -18.53 16.87 19.45
N GLN B 193 -19.44 16.43 20.28
CA GLN B 193 -19.16 16.44 21.69
C GLN B 193 -18.96 15.09 22.24
N GLN B 194 -18.16 15.03 23.26
CA GLN B 194 -17.96 13.80 23.95
C GLN B 194 -19.11 13.74 24.92
N THR B 195 -19.85 12.64 24.96
CA THR B 195 -21.01 12.60 25.84
C THR B 195 -20.73 11.83 27.08
N THR B 196 -19.77 10.93 27.00
CA THR B 196 -19.35 10.17 28.16
C THR B 196 -17.95 9.65 27.99
N THR B 197 -17.26 9.48 29.11
CA THR B 197 -15.89 8.99 29.13
C THR B 197 -15.75 7.81 30.06
N PHE B 198 -15.05 6.81 29.60
CA PHE B 198 -14.78 5.63 30.38
C PHE B 198 -13.40 5.66 30.90
N THR B 199 -13.28 5.51 32.20
CA THR B 199 -11.99 5.54 32.84
C THR B 199 -11.80 4.26 33.62
N GLY B 200 -10.57 4.02 34.06
CA GLY B 200 -10.26 2.84 34.85
C GLY B 200 -9.07 2.09 34.31
N HIS B 201 -8.75 2.29 33.04
CA HIS B 201 -7.56 1.67 32.48
C HIS B 201 -6.40 2.51 32.91
N THR B 202 -5.25 1.89 33.02
CA THR B 202 -4.06 2.63 33.37
C THR B 202 -3.06 2.68 32.22
N GLY B 203 -3.18 1.75 31.29
CA GLY B 203 -2.27 1.72 30.17
C GLY B 203 -2.96 2.25 28.94
N ASP B 204 -2.25 2.32 27.85
CA ASP B 204 -2.84 2.79 26.62
C ASP B 204 -3.94 1.81 26.25
N VAL B 205 -5.04 2.29 25.68
CA VAL B 205 -6.08 1.36 25.27
C VAL B 205 -5.84 1.00 23.83
N MET B 206 -5.81 -0.30 23.55
CA MET B 206 -5.49 -0.79 22.23
C MET B 206 -6.64 -1.11 21.34
N SER B 207 -7.71 -1.67 21.88
CA SER B 207 -8.76 -2.08 20.98
C SER B 207 -10.17 -2.12 21.54
N LEU B 208 -11.13 -1.98 20.64
CA LEU B 208 -12.55 -2.06 20.95
C LEU B 208 -13.29 -3.09 20.14
N SER B 209 -14.32 -3.63 20.76
CA SER B 209 -15.25 -4.49 20.07
C SER B 209 -16.63 -4.23 20.62
N LEU B 210 -17.61 -4.18 19.75
CA LEU B 210 -18.97 -3.91 20.19
C LEU B 210 -19.76 -5.16 20.36
N ALA B 211 -20.62 -5.17 21.35
CA ALA B 211 -21.51 -6.27 21.51
C ALA B 211 -22.44 -6.28 20.32
N PRO B 212 -22.93 -7.44 19.88
CA PRO B 212 -23.87 -7.56 18.79
C PRO B 212 -25.10 -6.65 18.92
N ASP B 213 -25.56 -6.36 20.15
CA ASP B 213 -26.73 -5.52 20.31
C ASP B 213 -26.42 -4.06 20.63
N THR B 214 -25.14 -3.66 20.57
CA THR B 214 -24.66 -2.30 20.87
C THR B 214 -24.77 -1.90 22.35
N ARG B 215 -25.30 -2.73 23.22
CA ARG B 215 -25.52 -2.26 24.61
C ARG B 215 -24.30 -2.34 25.49
N LEU B 216 -23.30 -3.09 25.07
CA LEU B 216 -22.08 -3.24 25.84
C LEU B 216 -20.89 -3.23 24.91
N PHE B 217 -19.72 -2.91 25.42
CA PHE B 217 -18.52 -3.01 24.59
C PHE B 217 -17.33 -3.39 25.45
N VAL B 218 -16.30 -3.93 24.83
CA VAL B 218 -15.13 -4.33 25.58
C VAL B 218 -13.86 -3.64 25.11
N SER B 219 -13.06 -3.17 26.06
CA SER B 219 -11.84 -2.46 25.73
C SER B 219 -10.63 -3.24 26.20
N GLY B 220 -9.67 -3.41 25.33
CA GLY B 220 -8.45 -4.11 25.69
C GLY B 220 -7.32 -3.13 25.84
N ALA B 221 -6.44 -3.36 26.78
CA ALA B 221 -5.38 -2.36 27.04
C ALA B 221 -4.03 -2.95 27.45
N CYS B 222 -3.06 -2.06 27.57
CA CYS B 222 -1.68 -2.39 27.92
C CYS B 222 -1.47 -2.63 29.41
N ASP B 223 -2.56 -2.94 30.09
CA ASP B 223 -2.56 -3.32 31.48
C ASP B 223 -2.68 -4.81 31.58
N ALA B 224 -2.69 -5.48 30.42
CA ALA B 224 -2.88 -6.91 30.33
C ALA B 224 -4.19 -7.27 30.97
N SER B 225 -5.19 -6.48 30.64
CA SER B 225 -6.53 -6.64 31.13
C SER B 225 -7.51 -6.03 30.16
N ALA B 226 -8.77 -6.33 30.37
CA ALA B 226 -9.82 -5.79 29.55
C ALA B 226 -11.03 -5.48 30.39
N LYS B 227 -11.76 -4.47 29.98
CA LYS B 227 -12.94 -4.12 30.73
C LYS B 227 -14.19 -4.09 29.91
N LEU B 228 -15.27 -4.58 30.51
CA LEU B 228 -16.58 -4.54 29.86
C LEU B 228 -17.26 -3.28 30.31
N TRP B 229 -17.76 -2.50 29.37
CA TRP B 229 -18.33 -1.22 29.72
C TRP B 229 -19.77 -1.10 29.29
N ASP B 230 -20.63 -0.59 30.17
CA ASP B 230 -21.99 -0.34 29.76
C ASP B 230 -21.98 0.93 28.95
N VAL B 231 -22.56 0.90 27.75
CA VAL B 231 -22.55 2.08 26.90
C VAL B 231 -23.40 3.18 27.52
N ARG B 232 -24.66 2.89 27.80
CA ARG B 232 -25.56 3.88 28.39
C ARG B 232 -25.21 4.36 29.79
N GLU B 233 -24.81 3.44 30.67
CA GLU B 233 -24.54 3.81 32.05
C GLU B 233 -23.15 4.37 32.29
N GLY B 234 -22.29 4.31 31.28
CA GLY B 234 -20.95 4.83 31.37
C GLY B 234 -20.10 4.24 32.48
N MET B 235 -20.25 2.95 32.73
CA MET B 235 -19.53 2.34 33.84
C MET B 235 -18.94 0.98 33.54
N CYS B 236 -17.85 0.62 34.22
CA CYS B 236 -17.22 -0.69 34.02
C CYS B 236 -17.93 -1.81 34.74
N ARG B 237 -18.69 -2.62 34.01
CA ARG B 237 -19.35 -3.76 34.62
C ARG B 237 -18.42 -4.85 35.16
N GLN B 238 -17.39 -5.22 34.41
CA GLN B 238 -16.51 -6.33 34.80
C GLN B 238 -15.08 -6.14 34.33
N THR B 239 -14.11 -6.63 35.10
CA THR B 239 -12.71 -6.55 34.70
C THR B 239 -12.15 -7.94 34.52
N PHE B 240 -11.60 -8.17 33.36
CA PHE B 240 -11.05 -9.45 33.01
C PHE B 240 -9.55 -9.34 32.95
N THR B 241 -8.87 -10.31 33.55
CA THR B 241 -7.41 -10.29 33.58
C THR B 241 -6.80 -11.64 33.22
N GLY B 242 -5.53 -11.85 33.53
CA GLY B 242 -4.86 -13.11 33.22
C GLY B 242 -3.87 -13.13 32.08
N HIS B 243 -3.91 -12.15 31.20
CA HIS B 243 -2.89 -12.09 30.15
C HIS B 243 -1.59 -11.62 30.76
N GLU B 244 -0.47 -12.10 30.24
CA GLU B 244 0.84 -11.73 30.79
C GLU B 244 1.45 -10.50 30.14
N SER B 245 0.82 -9.99 29.09
CA SER B 245 1.36 -8.82 28.37
C SER B 245 0.24 -8.03 27.75
N ASP B 246 0.56 -6.93 27.09
CA ASP B 246 -0.47 -6.05 26.55
C ASP B 246 -1.43 -6.70 25.59
N ILE B 247 -2.72 -6.43 25.75
CA ILE B 247 -3.73 -6.98 24.87
C ILE B 247 -3.81 -6.10 23.64
N ASN B 248 -3.59 -6.66 22.45
CA ASN B 248 -3.56 -5.86 21.22
C ASN B 248 -4.84 -5.98 20.41
N ALA B 249 -5.51 -7.12 20.51
CA ALA B 249 -6.71 -7.33 19.74
C ALA B 249 -7.84 -7.90 20.56
N ILE B 250 -9.07 -7.50 20.26
CA ILE B 250 -10.24 -8.00 20.98
C ILE B 250 -11.40 -8.24 20.03
N CYS B 251 -12.17 -9.30 20.24
CA CYS B 251 -13.33 -9.59 19.41
C CYS B 251 -14.40 -10.09 20.34
N PHE B 252 -15.65 -9.99 19.93
CA PHE B 252 -16.76 -10.46 20.74
C PHE B 252 -17.31 -11.71 20.10
N PHE B 253 -17.58 -12.72 20.89
CA PHE B 253 -18.17 -13.94 20.37
C PHE B 253 -19.54 -13.60 19.73
N PRO B 254 -19.94 -14.29 18.63
CA PRO B 254 -21.20 -13.88 18.00
C PRO B 254 -22.42 -13.83 18.92
N ASN B 255 -22.55 -14.76 19.86
CA ASN B 255 -23.65 -14.70 20.82
C ASN B 255 -23.61 -13.42 21.62
N GLY B 256 -22.41 -12.92 21.95
CA GLY B 256 -22.30 -11.73 22.77
C GLY B 256 -22.09 -12.07 24.22
N ASN B 257 -21.93 -13.35 24.52
CA ASN B 257 -21.70 -13.78 25.90
C ASN B 257 -20.26 -14.13 26.18
N ALA B 258 -19.37 -13.92 25.22
CA ALA B 258 -17.96 -14.24 25.40
C ALA B 258 -17.09 -13.36 24.52
N PHE B 259 -15.80 -13.30 24.79
CA PHE B 259 -14.90 -12.52 23.94
C PHE B 259 -13.50 -13.13 23.88
N ALA B 260 -12.79 -12.84 22.80
CA ALA B 260 -11.44 -13.35 22.65
C ALA B 260 -10.43 -12.24 22.57
N THR B 261 -9.33 -12.38 23.30
CA THR B 261 -8.31 -11.37 23.30
C THR B 261 -6.98 -11.90 22.83
N GLY B 262 -6.22 -11.10 22.10
CA GLY B 262 -4.89 -11.47 21.68
C GLY B 262 -3.87 -10.52 22.27
N SER B 263 -2.65 -11.01 22.49
CA SER B 263 -1.61 -10.21 23.08
C SER B 263 -0.22 -10.51 22.58
N ASP B 264 0.77 -9.83 23.14
CA ASP B 264 2.17 -10.05 22.77
C ASP B 264 2.71 -11.39 23.27
N ASP B 265 2.03 -12.00 24.23
CA ASP B 265 2.44 -13.31 24.75
C ASP B 265 2.37 -14.41 23.72
N ALA B 266 1.61 -14.22 22.64
CA ALA B 266 1.40 -15.22 21.59
C ALA B 266 0.35 -16.17 22.09
N THR B 267 -0.63 -15.63 22.79
CA THR B 267 -1.68 -16.44 23.36
C THR B 267 -3.02 -15.77 23.20
N CYS B 268 -3.99 -16.48 22.67
CA CYS B 268 -5.31 -15.89 22.59
C CYS B 268 -6.05 -16.42 23.78
N ARG B 269 -6.97 -15.65 24.31
CA ARG B 269 -7.74 -16.20 25.41
C ARG B 269 -9.20 -15.92 25.25
N LEU B 270 -10.00 -16.92 25.59
CA LEU B 270 -11.44 -16.82 25.53
C LEU B 270 -11.99 -16.56 26.91
N PHE B 271 -12.76 -15.49 27.07
CA PHE B 271 -13.33 -15.14 28.37
C PHE B 271 -14.83 -15.23 28.31
N ASP B 272 -15.46 -15.55 29.43
CA ASP B 272 -16.90 -15.68 29.47
C ASP B 272 -17.49 -14.63 30.37
N LEU B 273 -18.51 -13.94 29.88
CA LEU B 273 -19.09 -12.86 30.66
C LEU B 273 -20.04 -13.34 31.74
N ARG B 274 -20.46 -14.60 31.74
CA ARG B 274 -21.43 -14.97 32.74
C ARG B 274 -20.71 -15.65 33.91
N ALA B 275 -19.65 -16.37 33.62
CA ALA B 275 -18.87 -17.01 34.69
C ALA B 275 -17.89 -16.01 35.30
N ASP B 276 -17.60 -14.90 34.59
CA ASP B 276 -16.63 -13.87 35.01
C ASP B 276 -15.25 -14.50 35.07
N GLN B 277 -14.93 -15.36 34.10
CA GLN B 277 -13.66 -16.07 34.17
C GLN B 277 -13.18 -16.48 32.81
N GLU B 278 -11.88 -16.68 32.67
CA GLU B 278 -11.33 -17.17 31.40
C GLU B 278 -11.81 -18.58 31.19
N LEU B 279 -12.19 -18.91 29.97
CA LEU B 279 -12.71 -20.23 29.67
C LEU B 279 -11.67 -21.09 28.97
N MET B 280 -10.82 -20.46 28.14
CA MET B 280 -9.86 -21.26 27.36
C MET B 280 -8.67 -20.48 26.81
N THR B 281 -7.53 -21.13 26.64
CA THR B 281 -6.39 -20.47 26.01
C THR B 281 -5.98 -21.17 24.75
N TYR B 282 -5.48 -20.41 23.80
CA TYR B 282 -5.00 -20.94 22.55
C TYR B 282 -3.55 -20.60 22.38
N SER B 283 -2.71 -21.60 22.32
CA SER B 283 -1.28 -21.34 22.22
C SER B 283 -0.58 -22.50 21.59
N HIS B 284 0.66 -22.29 21.20
CA HIS B 284 1.46 -23.35 20.63
C HIS B 284 2.91 -23.07 20.91
N ASP B 285 3.68 -24.11 21.13
CA ASP B 285 5.09 -23.99 21.45
C ASP B 285 5.92 -23.33 20.38
N ASN B 286 5.51 -23.42 19.13
CA ASN B 286 6.29 -22.82 18.08
C ASN B 286 5.88 -21.41 17.73
N ILE B 287 4.95 -20.81 18.48
CA ILE B 287 4.57 -19.47 18.12
C ILE B 287 5.10 -18.50 19.16
N ILE B 288 6.05 -17.66 18.78
CA ILE B 288 6.59 -16.67 19.72
C ILE B 288 6.19 -15.27 19.29
N CYS B 289 5.70 -15.13 18.07
CA CYS B 289 5.28 -13.83 17.56
C CYS B 289 4.00 -13.35 18.21
N GLY B 290 3.84 -12.05 18.32
CA GLY B 290 2.63 -11.50 18.90
C GLY B 290 1.39 -11.57 18.05
N ILE B 291 0.24 -11.32 18.63
CA ILE B 291 -1.02 -11.35 17.93
C ILE B 291 -1.42 -9.96 17.61
N THR B 292 -1.72 -9.73 16.36
CA THR B 292 -2.06 -8.39 15.93
C THR B 292 -3.55 -8.24 15.71
N SER B 293 -4.22 -9.34 15.46
CA SER B 293 -5.67 -9.27 15.21
C SER B 293 -6.40 -10.55 15.50
N VAL B 294 -7.65 -10.46 15.94
CA VAL B 294 -8.47 -11.65 16.16
C VAL B 294 -9.84 -11.48 15.53
N SER B 295 -10.44 -12.58 15.06
CA SER B 295 -11.79 -12.51 14.51
C SER B 295 -12.46 -13.87 14.66
N PHE B 296 -13.78 -13.92 14.51
CA PHE B 296 -14.53 -15.17 14.66
C PHE B 296 -15.37 -15.41 13.42
N SER B 297 -15.72 -16.66 13.16
CA SER B 297 -16.56 -16.98 12.03
C SER B 297 -18.00 -16.72 12.42
N LYS B 298 -18.94 -16.97 11.51
CA LYS B 298 -20.33 -16.69 11.78
C LYS B 298 -20.85 -17.50 12.95
N SER B 299 -20.49 -18.77 13.03
CA SER B 299 -20.95 -19.63 14.12
C SER B 299 -20.06 -19.53 15.35
N GLY B 300 -18.90 -18.89 15.22
CA GLY B 300 -17.98 -18.81 16.32
C GLY B 300 -17.22 -20.09 16.59
N ARG B 301 -17.26 -21.03 15.66
CA ARG B 301 -16.58 -22.31 15.83
C ARG B 301 -15.16 -22.12 15.40
N LEU B 302 -14.93 -21.15 14.54
CA LEU B 302 -13.56 -20.90 14.17
C LEU B 302 -13.11 -19.55 14.66
N LEU B 303 -11.91 -19.53 15.20
CA LEU B 303 -11.25 -18.33 15.67
C LEU B 303 -10.04 -18.06 14.82
N LEU B 304 -9.90 -16.86 14.34
CA LEU B 304 -8.78 -16.57 13.49
C LEU B 304 -7.88 -15.56 14.16
N ALA B 305 -6.57 -15.70 13.95
CA ALA B 305 -5.67 -14.71 14.52
C ALA B 305 -4.49 -14.43 13.63
N GLY B 306 -4.15 -13.15 13.52
CA GLY B 306 -3.02 -12.73 12.72
C GLY B 306 -1.82 -12.55 13.61
N TYR B 307 -0.65 -12.89 13.08
CA TYR B 307 0.62 -12.83 13.80
C TYR B 307 1.77 -12.10 13.12
N ASP B 308 2.75 -11.67 13.92
CA ASP B 308 3.94 -11.02 13.36
C ASP B 308 4.76 -12.03 12.60
N ASP B 309 4.27 -13.26 12.47
CA ASP B 309 4.96 -14.33 11.77
C ASP B 309 4.66 -14.22 10.31
N PHE B 310 3.83 -13.26 9.92
CA PHE B 310 3.44 -13.02 8.52
C PHE B 310 2.29 -13.95 8.17
N ASN B 311 1.79 -14.69 9.15
CA ASN B 311 0.74 -15.67 8.87
C ASN B 311 -0.50 -15.47 9.69
N CYS B 312 -1.55 -16.21 9.38
CA CYS B 312 -2.80 -16.13 10.11
C CYS B 312 -3.21 -17.57 10.41
N ASN B 313 -3.55 -17.87 11.66
CA ASN B 313 -3.88 -19.25 12.01
C ASN B 313 -5.33 -19.43 12.43
N VAL B 314 -6.03 -20.37 11.82
CA VAL B 314 -7.39 -20.68 12.23
C VAL B 314 -7.33 -21.63 13.40
N TRP B 315 -8.21 -21.48 14.36
CA TRP B 315 -8.20 -22.32 15.56
C TRP B 315 -9.56 -22.91 15.79
N ASP B 316 -9.59 -24.12 16.32
CA ASP B 316 -10.86 -24.71 16.67
C ASP B 316 -11.18 -24.02 17.95
N ALA B 317 -12.16 -23.16 17.94
CA ALA B 317 -12.49 -22.36 19.10
C ALA B 317 -12.95 -23.17 20.29
N LEU B 318 -13.48 -24.37 20.07
CA LEU B 318 -13.97 -25.16 21.19
C LEU B 318 -12.99 -26.22 21.68
N LYS B 319 -11.89 -26.39 20.98
CA LYS B 319 -10.94 -27.44 21.32
C LYS B 319 -9.53 -26.93 21.53
N ALA B 320 -9.26 -25.78 20.93
CA ALA B 320 -7.98 -25.10 20.84
C ALA B 320 -6.92 -25.83 20.06
N ASP B 321 -7.32 -26.59 19.05
CA ASP B 321 -6.36 -27.20 18.16
C ASP B 321 -6.20 -26.27 16.99
N ARG B 322 -5.08 -26.33 16.29
CA ARG B 322 -5.01 -25.51 15.10
C ARG B 322 -5.76 -26.25 14.01
N ALA B 323 -6.67 -25.56 13.33
CA ALA B 323 -7.46 -26.17 12.27
C ALA B 323 -6.78 -25.95 10.92
N GLY B 324 -6.04 -24.88 10.81
CA GLY B 324 -5.40 -24.58 9.54
C GLY B 324 -4.61 -23.30 9.56
N VAL B 325 -3.89 -23.04 8.48
CA VAL B 325 -3.06 -21.86 8.38
C VAL B 325 -3.24 -21.11 7.06
N LEU B 326 -3.36 -19.80 7.15
CA LEU B 326 -3.38 -18.99 5.95
C LEU B 326 -1.98 -18.45 5.88
N ALA B 327 -1.46 -18.31 4.69
CA ALA B 327 -0.12 -17.80 4.54
C ALA B 327 -0.02 -17.14 3.21
N GLY B 328 0.99 -16.31 3.02
CA GLY B 328 1.10 -15.64 1.74
C GLY B 328 1.37 -14.16 1.86
N HIS B 329 1.57 -13.67 3.07
CA HIS B 329 1.95 -12.28 3.23
C HIS B 329 3.46 -12.23 3.41
N ASP B 330 4.07 -11.14 2.97
CA ASP B 330 5.51 -10.98 3.11
C ASP B 330 5.92 -10.15 4.30
N ASN B 331 4.94 -9.78 5.10
CA ASN B 331 5.21 -8.98 6.26
C ASN B 331 4.14 -9.21 7.31
N ARG B 332 4.27 -8.53 8.42
CA ARG B 332 3.36 -8.69 9.55
C ARG B 332 1.92 -8.52 9.15
N VAL B 333 1.06 -9.42 9.61
CA VAL B 333 -0.36 -9.27 9.29
C VAL B 333 -0.88 -8.24 10.25
N SER B 334 -1.49 -7.18 9.75
CA SER B 334 -1.93 -6.12 10.62
C SER B 334 -3.40 -6.11 10.91
N CYS B 335 -4.18 -6.73 10.05
CA CYS B 335 -5.61 -6.71 10.24
C CYS B 335 -6.35 -7.87 9.61
N LEU B 336 -7.44 -8.25 10.25
CA LEU B 336 -8.33 -9.31 9.81
C LEU B 336 -9.75 -8.87 9.83
N GLY B 337 -10.57 -9.48 8.99
CA GLY B 337 -11.99 -9.28 9.11
C GLY B 337 -12.76 -10.37 8.43
N VAL B 338 -13.95 -10.61 8.91
CA VAL B 338 -14.81 -11.63 8.37
C VAL B 338 -16.09 -10.94 7.97
N THR B 339 -16.64 -11.28 6.84
CA THR B 339 -17.85 -10.62 6.42
C THR B 339 -19.02 -11.01 7.28
N ASP B 340 -20.07 -10.19 7.27
CA ASP B 340 -21.26 -10.48 8.06
C ASP B 340 -22.00 -11.73 7.65
N ASP B 341 -21.94 -12.08 6.38
CA ASP B 341 -22.63 -13.27 5.95
C ASP B 341 -21.75 -14.51 6.08
N GLY B 342 -20.53 -14.34 6.55
CA GLY B 342 -19.60 -15.43 6.75
C GLY B 342 -18.94 -15.93 5.48
N MET B 343 -19.22 -15.31 4.35
CA MET B 343 -18.64 -15.81 3.12
C MET B 343 -17.17 -15.66 2.94
N ALA B 344 -16.53 -14.67 3.54
CA ALA B 344 -15.11 -14.52 3.25
C ALA B 344 -14.33 -13.88 4.36
N VAL B 345 -13.04 -14.15 4.33
CA VAL B 345 -12.08 -13.60 5.27
C VAL B 345 -11.11 -12.71 4.56
N ALA B 346 -10.90 -11.52 5.07
CA ALA B 346 -9.93 -10.66 4.45
C ALA B 346 -8.80 -10.47 5.41
N THR B 347 -7.59 -10.32 4.87
CA THR B 347 -6.43 -10.07 5.69
C THR B 347 -5.69 -8.92 5.06
N GLY B 348 -5.03 -8.10 5.87
CA GLY B 348 -4.29 -6.96 5.36
C GLY B 348 -2.93 -7.04 5.98
N SER B 349 -1.94 -6.43 5.35
CA SER B 349 -0.58 -6.58 5.84
C SER B 349 0.36 -5.43 5.57
N TRP B 350 1.49 -5.44 6.27
CA TRP B 350 2.50 -4.44 6.05
C TRP B 350 3.13 -4.53 4.65
N ASP B 351 3.02 -5.68 3.98
CA ASP B 351 3.52 -5.82 2.61
C ASP B 351 2.70 -5.01 1.58
N SER B 352 1.70 -4.25 2.02
CA SER B 352 0.85 -3.38 1.15
C SER B 352 -0.28 -4.04 0.39
N PHE B 353 -0.65 -5.26 0.76
CA PHE B 353 -1.69 -5.97 0.02
C PHE B 353 -2.80 -6.51 0.89
N LEU B 354 -4.01 -6.54 0.36
CA LEU B 354 -5.12 -7.11 1.09
C LEU B 354 -5.55 -8.30 0.30
N LYS B 355 -5.70 -9.43 0.97
CA LYS B 355 -6.09 -10.64 0.29
C LYS B 355 -7.39 -11.18 0.83
N ILE B 356 -8.23 -11.69 -0.05
CA ILE B 356 -9.49 -12.28 0.35
C ILE B 356 -9.44 -13.77 0.15
N TRP B 357 -9.77 -14.49 1.21
CA TRP B 357 -9.70 -15.93 1.19
C TRP B 357 -11.08 -16.51 1.38
N ASN B 358 -11.28 -17.74 0.94
CA ASN B 358 -12.57 -18.40 1.07
C ASN B 358 -12.33 -19.90 1.01
N ASN C 5 -2.07 11.39 51.45
CA ASN C 5 -2.41 12.37 50.44
C ASN C 5 -3.83 12.14 49.98
N THR C 6 -4.68 13.15 50.09
CA THR C 6 -6.07 13.07 49.71
C THR C 6 -6.24 12.46 48.33
N ALA C 7 -5.37 12.82 47.38
CA ALA C 7 -5.49 12.29 46.03
C ALA C 7 -5.34 10.78 45.98
N SER C 8 -4.45 10.22 46.82
CA SER C 8 -4.20 8.79 46.79
C SER C 8 -5.35 8.12 47.48
N ILE C 9 -5.89 8.81 48.47
CA ILE C 9 -7.01 8.31 49.21
C ILE C 9 -8.22 8.23 48.30
N ALA C 10 -8.47 9.29 47.53
CA ALA C 10 -9.58 9.29 46.62
C ALA C 10 -9.43 8.19 45.59
N GLN C 11 -8.22 7.93 45.12
CA GLN C 11 -8.03 6.87 44.15
C GLN C 11 -8.29 5.52 44.78
N ALA C 12 -7.84 5.33 46.02
CA ALA C 12 -8.08 4.09 46.71
C ALA C 12 -9.56 3.92 46.98
N ARG C 13 -10.25 5.03 47.27
CA ARG C 13 -11.67 4.96 47.53
C ARG C 13 -12.41 4.52 46.28
N LYS C 14 -12.01 5.06 45.12
CA LYS C 14 -12.63 4.68 43.86
C LYS C 14 -12.37 3.21 43.56
N LEU C 15 -11.16 2.73 43.88
CA LEU C 15 -10.83 1.33 43.67
C LEU C 15 -11.73 0.45 44.49
N VAL C 16 -11.93 0.83 45.75
CA VAL C 16 -12.79 0.06 46.62
C VAL C 16 -14.22 0.05 46.09
N GLU C 17 -14.73 1.19 45.62
CA GLU C 17 -16.10 1.19 45.10
C GLU C 17 -16.23 0.33 43.86
N GLN C 18 -15.23 0.36 42.97
CA GLN C 18 -15.33 -0.46 41.79
C GLN C 18 -15.27 -1.93 42.12
N LEU C 19 -14.44 -2.29 43.08
CA LEU C 19 -14.36 -3.68 43.44
C LEU C 19 -15.63 -4.15 44.10
N LYS C 20 -16.26 -3.31 44.92
CA LYS C 20 -17.53 -3.67 45.54
C LYS C 20 -18.57 -3.99 44.50
N MET C 21 -18.66 -3.18 43.46
CA MET C 21 -19.60 -3.44 42.38
C MET C 21 -19.29 -4.75 41.69
N GLU C 22 -18.00 -5.01 41.45
CA GLU C 22 -17.60 -6.23 40.75
C GLU C 22 -17.71 -7.46 41.64
N ALA C 23 -17.71 -7.27 42.95
CA ALA C 23 -17.88 -8.41 43.83
C ALA C 23 -19.33 -8.88 43.73
N ASN C 24 -20.26 -7.94 43.61
CA ASN C 24 -21.69 -8.26 43.54
C ASN C 24 -22.20 -8.62 42.14
N ILE C 25 -21.67 -9.68 41.57
CA ILE C 25 -22.09 -10.10 40.23
C ILE C 25 -22.72 -11.48 40.34
N ASP C 26 -23.75 -11.75 39.54
CA ASP C 26 -24.38 -13.06 39.56
C ASP C 26 -23.61 -14.02 38.66
N ARG C 27 -22.45 -14.46 39.12
CA ARG C 27 -21.64 -15.38 38.33
C ARG C 27 -22.31 -16.73 38.19
N ILE C 28 -22.18 -17.35 37.04
CA ILE C 28 -22.75 -18.68 36.84
C ILE C 28 -21.64 -19.71 36.74
N LYS C 29 -22.00 -21.00 36.82
CA LYS C 29 -21.04 -22.06 36.75
C LYS C 29 -20.45 -22.17 35.36
N VAL C 30 -19.18 -22.52 35.30
CA VAL C 30 -18.48 -22.66 34.03
C VAL C 30 -19.04 -23.73 33.13
N SER C 31 -19.46 -24.85 33.72
CA SER C 31 -20.06 -25.92 32.94
C SER C 31 -21.27 -25.44 32.17
N LYS C 32 -22.14 -24.69 32.84
CA LYS C 32 -23.35 -24.19 32.18
C LYS C 32 -23.02 -23.23 31.04
N ALA C 33 -22.04 -22.37 31.24
CA ALA C 33 -21.69 -21.41 30.21
C ALA C 33 -20.93 -22.05 29.07
N ALA C 34 -20.14 -23.08 29.34
CA ALA C 34 -19.50 -23.79 28.27
C ALA C 34 -20.54 -24.53 27.44
N ALA C 35 -21.54 -25.10 28.08
CA ALA C 35 -22.59 -25.78 27.35
C ALA C 35 -23.36 -24.82 26.48
N ASP C 36 -23.61 -23.61 26.98
CA ASP C 36 -24.36 -22.65 26.18
C ASP C 36 -23.54 -22.22 24.98
N LEU C 37 -22.24 -22.11 25.16
CA LEU C 37 -21.38 -21.70 24.09
C LEU C 37 -21.42 -22.75 22.97
N MET C 38 -21.37 -24.02 23.35
CA MET C 38 -21.42 -25.07 22.34
C MET C 38 -22.75 -25.06 21.62
N ALA C 39 -23.84 -24.84 22.35
CA ALA C 39 -25.13 -24.88 21.72
C ALA C 39 -25.22 -23.86 20.60
N TYR C 40 -24.67 -22.67 20.81
CA TYR C 40 -24.67 -21.68 19.76
C TYR C 40 -23.92 -22.20 18.56
N CYS C 41 -22.71 -22.71 18.77
CA CYS C 41 -21.90 -23.18 17.65
C CYS C 41 -22.56 -24.28 16.85
N GLU C 42 -23.12 -25.28 17.53
CA GLU C 42 -23.78 -26.39 16.85
C GLU C 42 -25.01 -25.99 16.05
N ALA C 43 -25.85 -25.14 16.62
CA ALA C 43 -27.06 -24.70 15.94
C ALA C 43 -26.77 -23.93 14.68
N HIS C 44 -25.78 -23.06 14.71
CA HIS C 44 -25.48 -22.22 13.57
C HIS C 44 -24.37 -22.77 12.70
N ALA C 45 -24.02 -24.04 12.90
CA ALA C 45 -22.91 -24.61 12.16
C ALA C 45 -23.17 -24.72 10.67
N LYS C 46 -24.40 -25.01 10.30
CA LYS C 46 -24.73 -25.25 8.90
C LYS C 46 -24.89 -23.98 8.13
N GLU C 47 -24.89 -22.87 8.84
CA GLU C 47 -25.07 -21.58 8.24
C GLU C 47 -23.73 -20.93 7.95
N ASP C 48 -22.63 -21.55 8.42
CA ASP C 48 -21.28 -20.96 8.36
C ASP C 48 -20.43 -21.48 7.18
N PRO C 49 -20.20 -20.67 6.12
CA PRO C 49 -19.46 -20.99 4.90
C PRO C 49 -18.00 -21.28 5.06
N LEU C 50 -17.40 -20.93 6.20
CA LEU C 50 -15.97 -21.17 6.29
C LEU C 50 -15.79 -22.52 6.93
N LEU C 51 -16.68 -22.79 7.87
CA LEU C 51 -16.67 -24.05 8.57
C LEU C 51 -17.12 -25.14 7.61
N THR C 52 -18.13 -24.81 6.80
CA THR C 52 -18.72 -25.69 5.82
C THR C 52 -18.70 -25.03 4.44
N PRO C 53 -17.69 -25.29 3.61
CA PRO C 53 -17.51 -24.72 2.29
C PRO C 53 -18.73 -25.00 1.46
N VAL C 54 -19.03 -24.10 0.53
CA VAL C 54 -20.21 -24.22 -0.29
C VAL C 54 -19.80 -24.44 -1.75
N PRO C 55 -20.71 -24.91 -2.63
CA PRO C 55 -20.47 -25.12 -4.04
C PRO C 55 -20.01 -23.85 -4.69
N ALA C 56 -19.18 -23.95 -5.71
CA ALA C 56 -18.65 -22.74 -6.35
C ALA C 56 -19.73 -21.80 -6.85
N SER C 57 -20.86 -22.32 -7.30
CA SER C 57 -21.90 -21.45 -7.83
C SER C 57 -22.52 -20.52 -6.78
N GLU C 58 -22.31 -20.83 -5.50
CA GLU C 58 -22.84 -20.03 -4.41
C GLU C 58 -21.79 -19.07 -3.87
N ASN C 59 -20.58 -19.13 -4.41
CA ASN C 59 -19.44 -18.37 -3.94
C ASN C 59 -19.15 -17.13 -4.79
N PRO C 60 -19.40 -15.90 -4.31
CA PRO C 60 -19.20 -14.66 -5.02
C PRO C 60 -17.77 -14.42 -5.42
N PHE C 61 -16.85 -15.13 -4.80
CA PHE C 61 -15.44 -14.95 -5.08
C PHE C 61 -14.88 -16.05 -5.94
N ARG C 62 -15.72 -16.93 -6.46
CA ARG C 62 -15.20 -17.96 -7.32
C ARG C 62 -14.38 -17.31 -8.41
N ASP D 1 -26.07 25.18 -5.09
CA ASP D 1 -26.52 23.84 -5.42
C ASP D 1 -25.96 23.44 -6.78
N VAL D 2 -26.28 22.23 -7.20
CA VAL D 2 -25.82 21.69 -8.45
C VAL D 2 -26.54 22.42 -9.58
N GLN D 3 -25.77 22.90 -10.54
CA GLN D 3 -26.32 23.57 -11.70
C GLN D 3 -25.67 23.15 -13.00
N LEU D 4 -26.48 23.08 -14.03
CA LEU D 4 -26.00 22.92 -15.38
C LEU D 4 -26.76 23.92 -16.18
N VAL D 5 -26.06 24.84 -16.82
CA VAL D 5 -26.75 25.83 -17.59
C VAL D 5 -26.27 25.83 -19.01
N GLU D 6 -27.12 25.36 -19.89
CA GLU D 6 -26.80 25.27 -21.28
C GLU D 6 -27.03 26.61 -21.98
N SER D 7 -26.26 26.85 -23.03
CA SER D 7 -26.39 28.02 -23.86
C SER D 7 -25.94 27.74 -25.28
N GLY D 8 -26.19 28.69 -26.18
CA GLY D 8 -25.76 28.54 -27.57
C GLY D 8 -26.87 28.11 -28.54
N GLY D 9 -28.11 28.11 -28.09
CA GLY D 9 -29.20 27.72 -28.96
C GLY D 9 -29.56 28.89 -29.86
N GLY D 10 -30.63 28.73 -30.63
CA GLY D 10 -31.01 29.75 -31.59
C GLY D 10 -31.44 29.14 -32.91
N LEU D 11 -31.54 29.98 -33.94
CA LEU D 11 -31.96 29.58 -35.27
C LEU D 11 -30.81 29.49 -36.26
N VAL D 12 -30.72 28.36 -36.95
CA VAL D 12 -29.70 28.11 -37.95
C VAL D 12 -30.33 27.59 -39.24
N GLN D 13 -29.71 27.88 -40.37
CA GLN D 13 -30.24 27.38 -41.62
C GLN D 13 -29.69 25.97 -41.86
N PRO D 14 -30.41 25.09 -42.56
CA PRO D 14 -29.99 23.74 -42.80
C PRO D 14 -28.69 23.73 -43.56
N GLY D 15 -27.83 22.83 -43.16
CA GLY D 15 -26.52 22.65 -43.71
C GLY D 15 -25.50 23.44 -42.92
N GLY D 16 -25.98 24.31 -42.03
CA GLY D 16 -25.09 25.14 -41.24
C GLY D 16 -24.65 24.48 -39.96
N SER D 17 -24.06 25.25 -39.06
CA SER D 17 -23.50 24.67 -37.84
C SER D 17 -23.60 25.55 -36.61
N ARG D 18 -23.80 24.95 -35.44
CA ARG D 18 -23.85 25.70 -34.19
C ARG D 18 -23.03 24.96 -33.16
N LYS D 19 -22.58 25.67 -32.14
CA LYS D 19 -21.88 25.00 -31.05
C LYS D 19 -22.63 25.25 -29.76
N LEU D 20 -23.04 24.18 -29.10
CA LEU D 20 -23.76 24.29 -27.84
C LEU D 20 -22.77 24.16 -26.72
N SER D 21 -23.09 24.79 -25.61
CA SER D 21 -22.24 24.74 -24.43
C SER D 21 -22.97 24.58 -23.11
N CYS D 22 -22.46 23.72 -22.23
CA CYS D 22 -23.09 23.47 -20.94
C CYS D 22 -22.14 23.79 -19.80
N SER D 23 -22.30 24.95 -19.18
CA SER D 23 -21.48 25.30 -18.02
C SER D 23 -21.92 24.53 -16.78
N ALA D 24 -20.96 24.08 -15.98
CA ALA D 24 -21.28 23.27 -14.81
C ALA D 24 -20.85 23.93 -13.51
N SER D 25 -21.76 23.98 -12.54
CA SER D 25 -21.45 24.59 -11.26
C SER D 25 -21.95 23.77 -10.08
N GLY D 26 -21.28 23.85 -8.94
CA GLY D 26 -21.73 23.17 -7.75
C GLY D 26 -21.40 21.70 -7.56
N PHE D 27 -20.54 21.15 -8.40
CA PHE D 27 -20.15 19.75 -8.30
C PHE D 27 -18.79 19.50 -8.94
N ALA D 28 -18.22 18.33 -8.71
CA ALA D 28 -16.93 18.01 -9.31
C ALA D 28 -17.16 17.55 -10.72
N PHE D 29 -17.00 18.44 -11.69
CA PHE D 29 -17.28 18.12 -13.08
C PHE D 29 -16.40 17.02 -13.60
N SER D 30 -15.15 17.01 -13.16
CA SER D 30 -14.20 16.04 -13.66
C SER D 30 -14.61 14.60 -13.37
N SER D 31 -15.16 14.33 -12.20
CA SER D 31 -15.56 12.98 -11.82
C SER D 31 -16.81 12.46 -12.50
N PHE D 32 -17.59 13.33 -13.13
CA PHE D 32 -18.84 12.92 -13.72
C PHE D 32 -18.83 12.81 -15.22
N GLY D 33 -19.28 11.68 -15.77
CA GLY D 33 -19.42 11.55 -17.21
C GLY D 33 -20.64 12.35 -17.61
N MET D 34 -20.66 12.86 -18.83
CA MET D 34 -21.77 13.71 -19.25
C MET D 34 -22.46 13.26 -20.51
N HIS D 35 -23.77 13.46 -20.59
CA HIS D 35 -24.54 13.01 -21.74
C HIS D 35 -25.32 14.13 -22.35
N TRP D 36 -25.66 14.01 -23.62
CA TRP D 36 -26.53 14.99 -24.23
C TRP D 36 -27.78 14.24 -24.63
N VAL D 37 -28.95 14.72 -24.21
CA VAL D 37 -30.20 14.07 -24.55
C VAL D 37 -31.07 15.09 -25.24
N ARG D 38 -31.70 14.74 -26.36
CA ARG D 38 -32.49 15.71 -27.07
C ARG D 38 -33.96 15.37 -27.06
N GLN D 39 -34.79 16.36 -26.83
CA GLN D 39 -36.22 16.14 -26.91
C GLN D 39 -36.79 17.00 -27.98
N ALA D 40 -37.42 16.39 -28.97
CA ALA D 40 -38.00 17.13 -30.07
C ALA D 40 -39.36 17.66 -29.63
N PRO D 41 -40.01 18.46 -30.48
CA PRO D 41 -41.37 18.89 -30.12
C PRO D 41 -42.30 17.68 -29.99
N GLU D 42 -41.89 16.53 -30.51
CA GLU D 42 -42.68 15.29 -30.40
C GLU D 42 -42.67 14.76 -29.00
N LYS D 43 -41.96 15.44 -28.10
CA LYS D 43 -41.90 15.02 -26.69
C LYS D 43 -41.40 13.60 -26.46
N GLY D 44 -40.42 13.17 -27.23
CA GLY D 44 -39.84 11.86 -27.02
C GLY D 44 -38.36 12.06 -26.82
N LEU D 45 -37.83 11.63 -25.69
CA LEU D 45 -36.42 11.88 -25.42
C LEU D 45 -35.52 10.97 -26.23
N GLU D 46 -34.44 11.50 -26.80
CA GLU D 46 -33.50 10.71 -27.58
C GLU D 46 -32.07 10.97 -27.12
N TRP D 47 -31.31 9.93 -26.81
CA TRP D 47 -29.92 10.10 -26.42
C TRP D 47 -29.05 10.47 -27.62
N VAL D 48 -28.24 11.51 -27.50
CA VAL D 48 -27.38 11.95 -28.59
C VAL D 48 -25.91 11.56 -28.45
N ALA D 49 -25.30 11.82 -27.29
CA ALA D 49 -23.87 11.57 -27.12
C ALA D 49 -23.42 11.35 -25.69
N TYR D 50 -22.27 10.71 -25.51
CA TYR D 50 -21.71 10.52 -24.17
C TYR D 50 -20.22 10.78 -24.10
N ILE D 51 -19.76 11.57 -23.14
CA ILE D 51 -18.32 11.73 -22.94
C ILE D 51 -18.01 11.29 -21.51
N SER D 52 -17.07 10.38 -21.35
CA SER D 52 -16.75 9.86 -20.03
C SER D 52 -15.92 10.79 -19.20
N SER D 53 -15.82 10.51 -17.91
CA SER D 53 -14.93 11.30 -17.08
C SER D 53 -13.52 11.06 -17.58
N GLY D 54 -12.75 12.12 -17.77
CA GLY D 54 -11.41 11.98 -18.31
C GLY D 54 -11.38 11.87 -19.81
N SER D 55 -12.55 11.89 -20.47
CA SER D 55 -12.64 11.86 -21.93
C SER D 55 -12.19 10.56 -22.58
N GLY D 56 -12.06 9.49 -21.81
CA GLY D 56 -11.61 8.22 -22.34
C GLY D 56 -12.51 7.55 -23.34
N THR D 57 -13.82 7.55 -23.07
CA THR D 57 -14.75 6.91 -23.98
C THR D 57 -15.84 7.84 -24.48
N ILE D 58 -16.06 7.84 -25.78
CA ILE D 58 -17.08 8.67 -26.37
C ILE D 58 -18.00 7.80 -27.19
N TYR D 59 -19.31 7.93 -27.04
CA TYR D 59 -20.26 7.17 -27.83
C TYR D 59 -21.21 8.16 -28.44
N TYR D 60 -21.69 7.87 -29.63
CA TYR D 60 -22.65 8.75 -30.29
C TYR D 60 -23.81 7.94 -30.78
N ALA D 61 -24.96 8.57 -30.93
CA ALA D 61 -26.10 7.88 -31.50
C ALA D 61 -25.81 7.73 -32.97
N ASP D 62 -26.39 6.71 -33.58
CA ASP D 62 -26.12 6.46 -35.00
C ASP D 62 -26.57 7.61 -35.87
N THR D 63 -27.70 8.22 -35.53
CA THR D 63 -28.24 9.31 -36.32
C THR D 63 -27.29 10.51 -36.38
N VAL D 64 -26.65 10.83 -35.28
CA VAL D 64 -25.76 11.98 -35.23
C VAL D 64 -24.29 11.68 -35.45
N LYS D 65 -23.95 10.42 -35.69
CA LYS D 65 -22.54 10.06 -35.81
C LYS D 65 -21.89 10.74 -37.00
N GLY D 66 -20.73 11.34 -36.79
CA GLY D 66 -20.00 11.98 -37.87
C GLY D 66 -20.40 13.40 -38.15
N ARG D 67 -21.47 13.88 -37.53
CA ARG D 67 -21.88 15.27 -37.70
C ARG D 67 -21.82 16.00 -36.38
N PHE D 68 -21.76 15.25 -35.28
CA PHE D 68 -21.78 15.87 -33.96
C PHE D 68 -20.54 15.44 -33.20
N THR D 69 -19.88 16.39 -32.54
CA THR D 69 -18.72 16.05 -31.72
C THR D 69 -18.91 16.51 -30.28
N ILE D 70 -18.64 15.64 -29.31
CA ILE D 70 -18.79 16.00 -27.90
C ILE D 70 -17.43 16.20 -27.24
N SER D 71 -17.27 17.31 -26.52
CA SER D 71 -15.98 17.62 -25.90
C SER D 71 -16.15 18.25 -24.52
N ARG D 72 -15.21 17.98 -23.62
CA ARG D 72 -15.27 18.56 -22.29
C ARG D 72 -14.00 19.29 -21.88
N ASP D 73 -14.15 20.41 -21.19
CA ASP D 73 -12.98 21.10 -20.66
C ASP D 73 -13.08 21.13 -19.16
N ASP D 74 -12.45 20.16 -18.50
CA ASP D 74 -12.55 20.07 -17.05
C ASP D 74 -12.12 21.32 -16.26
N PRO D 75 -11.02 22.00 -16.67
CA PRO D 75 -10.68 23.20 -15.90
C PRO D 75 -11.75 24.29 -15.93
N LYS D 76 -12.38 24.51 -17.08
CA LYS D 76 -13.43 25.52 -17.19
C LYS D 76 -14.79 24.98 -16.83
N ASN D 77 -14.87 23.69 -16.50
CA ASN D 77 -16.14 23.06 -16.15
C ASN D 77 -17.18 23.20 -17.25
N THR D 78 -16.78 22.96 -18.49
CA THR D 78 -17.71 23.10 -19.61
C THR D 78 -17.83 21.87 -20.50
N LEU D 79 -19.04 21.63 -21.02
CA LEU D 79 -19.28 20.50 -21.90
C LEU D 79 -19.75 21.11 -23.20
N PHE D 80 -19.24 20.65 -24.34
CA PHE D 80 -19.59 21.24 -25.62
C PHE D 80 -20.12 20.24 -26.61
N LEU D 81 -21.05 20.65 -27.45
CA LEU D 81 -21.50 19.78 -28.53
C LEU D 81 -21.23 20.60 -29.77
N GLN D 82 -20.49 20.03 -30.72
CA GLN D 82 -20.26 20.73 -31.96
C GLN D 82 -21.18 20.09 -32.95
N MET D 83 -22.08 20.87 -33.52
CA MET D 83 -23.05 20.31 -34.43
C MET D 83 -22.75 20.85 -35.82
N THR D 84 -22.63 19.97 -36.81
CA THR D 84 -22.32 20.38 -38.17
C THR D 84 -23.34 19.77 -39.11
N SER D 85 -23.50 20.36 -40.29
CA SER D 85 -24.43 19.83 -41.29
C SER D 85 -25.80 19.68 -40.71
N LEU D 86 -26.29 20.71 -40.04
CA LEU D 86 -27.58 20.60 -39.35
C LEU D 86 -28.74 20.30 -40.28
N ARG D 87 -29.66 19.45 -39.82
CA ARG D 87 -30.78 19.05 -40.65
C ARG D 87 -32.05 19.39 -39.90
N SER D 88 -33.18 19.39 -40.60
CA SER D 88 -34.44 19.77 -39.97
C SER D 88 -34.80 18.88 -38.80
N GLU D 89 -34.49 17.59 -38.89
CA GLU D 89 -34.77 16.66 -37.80
C GLU D 89 -34.01 17.01 -36.53
N ASP D 90 -32.88 17.71 -36.66
CA ASP D 90 -32.09 18.10 -35.50
C ASP D 90 -32.75 19.16 -34.60
N THR D 91 -33.82 19.79 -35.09
CA THR D 91 -34.52 20.77 -34.26
C THR D 91 -35.01 20.10 -33.01
N ALA D 92 -34.71 20.67 -31.83
CA ALA D 92 -35.07 20.06 -30.56
C ALA D 92 -34.63 20.85 -29.35
N MET D 93 -34.85 20.32 -28.16
CA MET D 93 -34.36 20.95 -26.94
C MET D 93 -33.28 20.03 -26.45
N TYR D 94 -32.08 20.52 -26.22
CA TYR D 94 -30.98 19.65 -25.86
C TYR D 94 -30.63 19.74 -24.40
N TYR D 95 -30.64 18.62 -23.70
CA TYR D 95 -30.41 18.62 -22.26
C TYR D 95 -29.05 18.09 -21.90
N CYS D 96 -28.34 18.78 -21.03
CA CYS D 96 -27.04 18.33 -20.55
C CYS D 96 -27.36 17.52 -19.33
N VAL D 97 -26.89 16.28 -19.27
CA VAL D 97 -27.21 15.38 -18.16
C VAL D 97 -26.01 14.77 -17.44
N ARG D 98 -26.02 14.86 -16.11
CA ARG D 98 -24.93 14.37 -15.28
C ARG D 98 -24.98 12.86 -14.98
N SER D 99 -23.85 12.16 -15.08
CA SER D 99 -23.85 10.74 -14.74
C SER D 99 -22.52 10.17 -14.19
N ILE D 100 -22.56 9.52 -13.03
CA ILE D 100 -21.35 8.93 -12.48
C ILE D 100 -21.55 7.44 -12.24
N TYR D 101 -20.56 6.62 -12.58
CA TYR D 101 -20.71 5.17 -12.48
C TYR D 101 -19.72 4.47 -11.56
N TYR D 102 -20.21 3.90 -10.47
CA TYR D 102 -19.38 3.13 -9.56
C TYR D 102 -20.41 2.26 -8.86
N TYR D 103 -19.99 1.26 -8.09
CA TYR D 103 -20.98 0.41 -7.48
C TYR D 103 -21.84 1.22 -6.56
N GLY D 104 -23.17 1.13 -6.71
CA GLY D 104 -24.07 1.85 -5.84
C GLY D 104 -24.39 3.27 -6.25
N SER D 105 -23.84 3.74 -7.37
CA SER D 105 -24.13 5.08 -7.85
C SER D 105 -25.50 5.15 -8.44
N SER D 106 -25.97 6.36 -8.66
CA SER D 106 -27.25 6.66 -9.27
C SER D 106 -27.10 7.73 -10.36
N PRO D 107 -26.82 7.35 -11.61
CA PRO D 107 -26.55 8.21 -12.73
C PRO D 107 -27.83 8.85 -13.24
N PHE D 108 -27.72 9.95 -14.02
CA PHE D 108 -28.84 10.68 -14.60
C PHE D 108 -29.69 11.33 -13.54
N ASP D 109 -29.11 11.67 -12.40
CA ASP D 109 -29.88 12.28 -11.36
C ASP D 109 -30.13 13.75 -11.61
N PHE D 110 -29.15 14.42 -12.19
CA PHE D 110 -29.27 15.84 -12.40
C PHE D 110 -29.26 16.26 -13.85
N TRP D 111 -30.34 16.91 -14.25
CA TRP D 111 -30.54 17.39 -15.59
C TRP D 111 -30.47 18.92 -15.64
N GLY D 112 -29.95 19.45 -16.74
CA GLY D 112 -29.90 20.89 -16.94
C GLY D 112 -31.23 21.37 -17.48
N GLN D 113 -31.29 22.59 -18.01
CA GLN D 113 -32.58 23.12 -18.45
C GLN D 113 -32.73 23.00 -19.94
N GLY D 114 -31.59 23.02 -20.59
CA GLY D 114 -31.48 22.89 -22.02
C GLY D 114 -31.61 24.15 -22.83
N THR D 115 -31.33 24.01 -24.11
CA THR D 115 -31.44 25.08 -25.07
C THR D 115 -32.30 24.65 -26.21
N THR D 116 -32.85 25.60 -26.94
CA THR D 116 -33.62 25.20 -28.09
C THR D 116 -32.89 25.51 -29.37
N LEU D 117 -32.75 24.48 -30.18
CA LEU D 117 -32.14 24.61 -31.48
C LEU D 117 -33.17 24.50 -32.55
N THR D 118 -33.27 25.50 -33.39
CA THR D 118 -34.22 25.45 -34.47
C THR D 118 -33.48 25.43 -35.77
N VAL D 119 -33.81 24.48 -36.60
CA VAL D 119 -33.17 24.41 -37.89
C VAL D 119 -34.29 24.64 -38.89
N SER D 120 -34.11 25.63 -39.75
CA SER D 120 -35.17 26.00 -40.69
C SER D 120 -35.32 24.97 -41.79
N SER D 121 -36.41 25.09 -42.54
CA SER D 121 -36.71 24.21 -43.67
C SER D 121 -36.16 22.80 -43.49
N GLY D 135 -30.95 -1.70 -36.16
CA GLY D 135 -32.04 -2.65 -35.94
C GLY D 135 -31.72 -3.52 -34.75
N SER D 136 -30.48 -3.39 -34.29
CA SER D 136 -29.93 -4.12 -33.14
C SER D 136 -30.22 -3.42 -31.81
N ASP D 137 -30.75 -2.22 -31.90
CA ASP D 137 -31.04 -1.38 -30.75
C ASP D 137 -32.10 -2.01 -29.88
N ILE D 138 -32.02 -1.79 -28.58
CA ILE D 138 -33.06 -2.31 -27.72
C ILE D 138 -34.22 -1.38 -27.76
N VAL D 139 -35.37 -1.93 -28.07
CA VAL D 139 -36.55 -1.13 -28.19
C VAL D 139 -37.46 -1.25 -27.01
N MET D 140 -37.89 -0.11 -26.48
CA MET D 140 -38.82 -0.18 -25.39
C MET D 140 -40.16 0.44 -25.71
N THR D 141 -41.18 -0.26 -25.30
CA THR D 141 -42.54 0.16 -25.50
C THR D 141 -43.27 0.51 -24.25
N GLN D 142 -43.94 1.64 -24.33
CA GLN D 142 -44.83 2.09 -23.28
C GLN D 142 -46.18 2.01 -23.91
N ALA D 143 -46.85 0.90 -23.63
CA ALA D 143 -48.10 0.56 -24.30
C ALA D 143 -49.19 1.59 -24.10
N THR D 144 -49.21 2.21 -22.93
CA THR D 144 -50.22 3.19 -22.63
C THR D 144 -49.67 4.58 -22.87
N SER D 145 -50.36 5.35 -23.71
CA SER D 145 -49.93 6.69 -24.02
C SER D 145 -50.34 7.68 -22.95
N SER D 146 -51.45 7.39 -22.27
CA SER D 146 -51.94 8.25 -21.21
C SER D 146 -52.88 7.52 -20.25
N VAL D 147 -52.93 8.03 -19.02
CA VAL D 147 -53.85 7.56 -17.99
C VAL D 147 -54.51 8.72 -17.22
N PRO D 148 -55.84 8.85 -17.17
CA PRO D 148 -56.51 9.85 -16.36
C PRO D 148 -56.34 9.43 -14.92
N VAL D 149 -56.01 10.34 -14.04
CA VAL D 149 -55.84 10.02 -12.63
C VAL D 149 -56.52 11.04 -11.75
N THR D 150 -56.83 10.67 -10.52
CA THR D 150 -57.34 11.64 -9.59
C THR D 150 -56.54 11.52 -8.30
N PRO D 151 -56.47 12.55 -7.47
CA PRO D 151 -55.74 12.53 -6.23
C PRO D 151 -56.18 11.39 -5.34
N GLY D 152 -55.19 10.75 -4.75
CA GLY D 152 -55.32 9.65 -3.81
C GLY D 152 -55.33 8.26 -4.45
N GLU D 153 -55.42 8.20 -5.78
CA GLU D 153 -55.50 6.91 -6.46
C GLU D 153 -54.19 6.22 -6.74
N SER D 154 -54.27 4.90 -6.92
CA SER D 154 -53.12 4.09 -7.29
C SER D 154 -52.96 4.11 -8.80
N VAL D 155 -51.73 4.24 -9.28
CA VAL D 155 -51.47 4.25 -10.71
C VAL D 155 -50.38 3.27 -11.12
N SER D 156 -50.63 2.49 -12.17
CA SER D 156 -49.63 1.56 -12.66
C SER D 156 -49.19 1.91 -14.08
N ILE D 157 -47.90 2.19 -14.24
CA ILE D 157 -47.33 2.55 -15.54
C ILE D 157 -46.39 1.44 -15.98
N SER D 158 -46.60 0.90 -17.16
CA SER D 158 -45.78 -0.23 -17.60
C SER D 158 -44.79 0.02 -18.73
N CYS D 159 -43.77 -0.81 -18.83
CA CYS D 159 -42.84 -0.69 -19.96
C CYS D 159 -42.37 -2.07 -20.36
N ARG D 160 -42.13 -2.29 -21.64
CA ARG D 160 -41.70 -3.60 -22.12
C ARG D 160 -40.43 -3.44 -22.90
N SER D 161 -39.62 -4.49 -22.96
CA SER D 161 -38.33 -4.40 -23.64
C SER D 161 -38.15 -5.49 -24.68
N SER D 162 -37.41 -5.21 -25.74
CA SER D 162 -37.16 -6.21 -26.77
C SER D 162 -36.38 -7.38 -26.20
N LYS D 163 -35.41 -7.09 -25.34
CA LYS D 163 -34.66 -8.14 -24.69
C LYS D 163 -34.62 -7.87 -23.20
N SER D 164 -34.40 -8.90 -22.39
CA SER D 164 -34.39 -8.72 -20.95
C SER D 164 -33.29 -7.78 -20.55
N LEU D 165 -33.59 -6.88 -19.61
CA LEU D 165 -32.60 -5.93 -19.14
C LEU D 165 -31.85 -6.52 -17.98
N LEU D 166 -32.21 -7.73 -17.57
CA LEU D 166 -31.49 -8.41 -16.52
C LEU D 166 -30.12 -8.82 -17.01
N HIS D 167 -29.14 -8.85 -16.12
CA HIS D 167 -27.79 -9.16 -16.52
C HIS D 167 -27.26 -10.26 -15.61
N SER D 168 -26.16 -10.88 -15.99
CA SER D 168 -25.59 -11.96 -15.19
C SER D 168 -25.22 -11.48 -13.80
N ASN D 169 -24.80 -10.23 -13.67
CA ASN D 169 -24.45 -9.67 -12.37
C ASN D 169 -25.66 -9.60 -11.43
N GLY D 170 -26.87 -9.65 -11.98
CA GLY D 170 -28.06 -9.58 -11.16
C GLY D 170 -28.73 -8.24 -11.11
N ASN D 171 -28.25 -7.29 -11.93
CA ASN D 171 -28.84 -5.97 -11.96
C ASN D 171 -29.70 -5.78 -13.18
N THR D 172 -30.91 -5.27 -13.00
CA THR D 172 -31.77 -4.99 -14.14
C THR D 172 -31.58 -3.52 -14.42
N TYR D 173 -31.08 -3.18 -15.59
CA TYR D 173 -30.77 -1.80 -15.89
C TYR D 173 -31.93 -1.00 -16.47
N LEU D 174 -32.92 -0.68 -15.64
CA LEU D 174 -34.05 0.12 -16.08
C LEU D 174 -34.22 1.37 -15.22
N TYR D 175 -34.41 2.52 -15.85
CA TYR D 175 -34.51 3.78 -15.13
C TYR D 175 -35.82 4.45 -15.42
N TRP D 176 -36.42 5.10 -14.44
CA TRP D 176 -37.67 5.82 -14.66
C TRP D 176 -37.49 7.31 -14.46
N PHE D 177 -38.00 8.10 -15.39
CA PHE D 177 -37.87 9.56 -15.30
C PHE D 177 -39.22 10.23 -15.37
N LEU D 178 -39.40 11.32 -14.63
CA LEU D 178 -40.65 12.07 -14.71
C LEU D 178 -40.38 13.48 -15.19
N GLN D 179 -41.05 13.88 -16.26
CA GLN D 179 -40.92 15.25 -16.71
C GLN D 179 -42.21 15.99 -16.41
N ARG D 180 -42.18 16.94 -15.49
CA ARG D 180 -43.37 17.74 -15.22
C ARG D 180 -43.42 18.77 -16.31
N PRO D 181 -44.61 19.31 -16.61
CA PRO D 181 -44.65 20.23 -17.75
C PRO D 181 -43.78 21.45 -17.55
N GLY D 182 -43.00 21.82 -18.56
CA GLY D 182 -42.14 22.99 -18.48
C GLY D 182 -40.90 22.76 -17.63
N GLN D 183 -40.58 21.51 -17.33
CA GLN D 183 -39.43 21.21 -16.46
C GLN D 183 -38.59 20.10 -17.05
N SER D 184 -37.34 20.00 -16.62
CA SER D 184 -36.45 18.94 -17.07
C SER D 184 -36.85 17.60 -16.49
N PRO D 185 -36.53 16.50 -17.18
CA PRO D 185 -36.82 15.19 -16.61
C PRO D 185 -36.09 14.90 -15.31
N GLN D 186 -36.72 14.17 -14.39
CA GLN D 186 -36.13 13.90 -13.10
C GLN D 186 -36.14 12.41 -12.82
N LEU D 187 -35.02 11.87 -12.37
CA LEU D 187 -34.96 10.45 -12.04
C LEU D 187 -35.81 10.12 -10.84
N LEU D 188 -36.56 9.03 -10.92
CA LEU D 188 -37.34 8.57 -9.79
C LEU D 188 -36.76 7.25 -9.34
N ILE D 189 -36.65 6.29 -10.25
CA ILE D 189 -36.15 4.96 -9.91
C ILE D 189 -34.92 4.61 -10.73
N TYR D 190 -33.89 4.04 -10.11
CA TYR D 190 -32.73 3.59 -10.86
C TYR D 190 -32.52 2.10 -10.71
N ARG D 191 -32.08 1.44 -11.76
CA ARG D 191 -31.88 -0.01 -11.75
C ARG D 191 -33.11 -0.78 -11.29
N MET D 192 -34.28 -0.42 -11.81
CA MET D 192 -35.55 -1.11 -11.51
C MET D 192 -36.20 -0.90 -10.15
N SER D 193 -35.50 -1.17 -9.06
CA SER D 193 -36.14 -1.09 -7.73
C SER D 193 -35.64 -0.02 -6.78
N ASN D 194 -34.65 0.78 -7.16
CA ASN D 194 -34.07 1.72 -6.21
C ASN D 194 -34.57 3.15 -6.34
N LEU D 195 -34.96 3.76 -5.23
CA LEU D 195 -35.47 5.14 -5.26
C LEU D 195 -34.41 6.22 -5.20
N ALA D 196 -34.52 7.22 -6.07
CA ALA D 196 -33.57 8.31 -6.10
C ALA D 196 -33.74 9.24 -4.91
N SER D 197 -32.67 9.95 -4.54
CA SER D 197 -32.73 10.86 -3.42
C SER D 197 -33.67 12.02 -3.70
N GLY D 198 -34.45 12.40 -2.70
CA GLY D 198 -35.40 13.49 -2.88
C GLY D 198 -36.68 13.05 -3.54
N VAL D 199 -36.84 11.75 -3.75
CA VAL D 199 -38.05 11.23 -4.39
C VAL D 199 -38.90 10.59 -3.30
N PRO D 200 -40.19 10.95 -3.25
CA PRO D 200 -41.07 10.42 -2.20
C PRO D 200 -41.25 8.92 -2.27
N ASP D 201 -41.49 8.30 -1.12
CA ASP D 201 -41.60 6.84 -1.06
C ASP D 201 -42.82 6.28 -1.79
N ARG D 202 -43.78 7.12 -2.15
CA ARG D 202 -44.97 6.66 -2.83
C ARG D 202 -44.60 5.98 -4.14
N PHE D 203 -43.64 6.54 -4.88
CA PHE D 203 -43.18 5.90 -6.11
C PHE D 203 -42.46 4.61 -5.79
N SER D 204 -42.74 3.56 -6.53
CA SER D 204 -42.03 2.30 -6.33
C SER D 204 -41.87 1.61 -7.67
N GLY D 205 -40.83 0.80 -7.82
CA GLY D 205 -40.60 0.10 -9.07
C GLY D 205 -40.51 -1.39 -8.92
N SER D 206 -41.32 -2.12 -9.68
CA SER D 206 -41.27 -3.57 -9.64
C SER D 206 -41.19 -4.12 -11.05
N GLY D 207 -40.29 -5.05 -11.30
CA GLY D 207 -40.24 -5.66 -12.61
C GLY D 207 -39.53 -6.98 -12.70
N SER D 208 -39.77 -7.72 -13.78
CA SER D 208 -39.03 -8.96 -13.98
C SER D 208 -38.76 -9.13 -15.45
N GLY D 209 -37.55 -9.54 -15.82
CA GLY D 209 -37.31 -9.81 -17.22
C GLY D 209 -37.52 -8.66 -18.17
N THR D 210 -38.40 -8.84 -19.15
CA THR D 210 -38.69 -7.80 -20.12
C THR D 210 -39.86 -6.90 -19.75
N ALA D 211 -40.53 -7.16 -18.63
CA ALA D 211 -41.71 -6.37 -18.27
C ALA D 211 -41.52 -5.62 -16.96
N PHE D 212 -41.82 -4.33 -16.95
CA PHE D 212 -41.58 -3.52 -15.76
C PHE D 212 -42.77 -2.65 -15.40
N THR D 213 -42.96 -2.40 -14.11
CA THR D 213 -44.08 -1.58 -13.65
C THR D 213 -43.67 -0.50 -12.65
N LEU D 214 -44.16 0.71 -12.82
CA LEU D 214 -43.89 1.75 -11.84
C LEU D 214 -45.21 2.00 -11.13
N THR D 215 -45.21 1.91 -9.81
CA THR D 215 -46.44 2.07 -9.06
C THR D 215 -46.43 3.33 -8.25
N ILE D 216 -47.45 4.16 -8.44
CA ILE D 216 -47.54 5.41 -7.70
C ILE D 216 -48.78 5.29 -6.83
N SER D 217 -48.67 5.64 -5.56
CA SER D 217 -49.79 5.55 -4.65
C SER D 217 -50.02 6.93 -4.07
N ARG D 218 -51.22 7.20 -3.56
CA ARG D 218 -51.52 8.50 -2.98
C ARG D 218 -51.17 9.60 -3.95
N LEU D 219 -51.69 9.52 -5.17
CA LEU D 219 -51.31 10.47 -6.20
C LEU D 219 -51.57 11.93 -5.84
N GLU D 220 -50.66 12.81 -6.22
CA GLU D 220 -50.78 14.22 -5.90
C GLU D 220 -50.67 15.02 -7.19
N ALA D 221 -51.02 16.29 -7.14
CA ALA D 221 -50.99 17.13 -8.33
C ALA D 221 -49.59 17.23 -8.89
N GLU D 222 -48.59 17.27 -8.02
CA GLU D 222 -47.20 17.35 -8.46
C GLU D 222 -46.82 16.12 -9.29
N ASP D 223 -47.34 14.97 -8.93
CA ASP D 223 -47.01 13.73 -9.64
C ASP D 223 -47.40 13.77 -11.11
N VAL D 224 -48.48 14.46 -11.44
CA VAL D 224 -48.97 14.47 -12.82
C VAL D 224 -47.88 14.94 -13.79
N GLY D 225 -47.68 14.20 -14.88
CA GLY D 225 -46.66 14.54 -15.85
C GLY D 225 -46.44 13.38 -16.80
N VAL D 226 -45.38 13.44 -17.60
CA VAL D 226 -45.06 12.35 -18.54
C VAL D 226 -43.96 11.47 -17.97
N TYR D 227 -44.14 10.15 -18.02
CA TYR D 227 -43.18 9.24 -17.42
C TYR D 227 -42.46 8.42 -18.47
N TYR D 228 -41.13 8.34 -18.38
CA TYR D 228 -40.36 7.65 -19.40
C TYR D 228 -39.54 6.48 -18.88
N CYS D 229 -39.59 5.35 -19.55
CA CYS D 229 -38.74 4.22 -19.17
C CYS D 229 -37.48 4.30 -19.99
N MET D 230 -36.34 4.01 -19.38
CA MET D 230 -35.06 4.01 -20.09
C MET D 230 -34.25 2.73 -19.89
N GLN D 231 -33.69 2.27 -20.99
CA GLN D 231 -32.80 1.11 -21.08
C GLN D 231 -31.35 1.48 -20.95
N HIS D 232 -30.62 0.82 -20.05
CA HIS D 232 -29.20 1.12 -19.95
C HIS D 232 -28.25 -0.09 -19.90
N LEU D 233 -28.51 -1.09 -20.74
CA LEU D 233 -27.67 -2.27 -20.75
C LEU D 233 -26.57 -2.08 -21.77
N GLU D 234 -26.89 -1.42 -22.87
CA GLU D 234 -25.91 -1.20 -23.91
C GLU D 234 -26.18 0.10 -24.65
N TYR D 235 -25.17 0.62 -25.34
CA TYR D 235 -25.34 1.84 -26.13
C TYR D 235 -25.78 1.53 -27.59
N PRO D 236 -26.80 2.27 -28.20
CA PRO D 236 -27.41 3.49 -27.73
C PRO D 236 -28.31 3.23 -26.56
N LEU D 237 -28.42 4.22 -25.70
CA LEU D 237 -29.33 4.12 -24.60
C LEU D 237 -30.64 4.46 -25.23
N THR D 238 -31.70 3.84 -24.79
CA THR D 238 -32.98 4.14 -25.44
C THR D 238 -34.10 4.42 -24.48
N PHE D 239 -35.07 5.17 -24.97
CA PHE D 239 -36.25 5.52 -24.19
C PHE D 239 -37.52 5.05 -24.83
N GLY D 240 -38.53 4.81 -24.00
CA GLY D 240 -39.85 4.51 -24.53
C GLY D 240 -40.54 5.80 -24.94
N ALA D 241 -41.76 5.69 -25.48
CA ALA D 241 -42.53 6.84 -25.94
C ALA D 241 -42.93 7.82 -24.84
N GLY D 242 -43.20 7.32 -23.66
CA GLY D 242 -43.62 8.15 -22.54
C GLY D 242 -45.12 8.00 -22.27
N THR D 243 -45.50 7.94 -20.99
CA THR D 243 -46.91 7.81 -20.62
C THR D 243 -47.36 9.04 -19.88
N LYS D 244 -48.39 9.70 -20.38
CA LYS D 244 -48.86 10.91 -19.74
C LYS D 244 -49.95 10.71 -18.72
N LEU D 245 -49.77 11.22 -17.53
CA LEU D 245 -50.89 11.16 -16.62
C LEU D 245 -51.58 12.48 -16.78
N GLU D 246 -52.89 12.46 -16.65
CA GLU D 246 -53.67 13.68 -16.76
C GLU D 246 -54.69 13.72 -15.65
N LEU D 247 -55.10 14.90 -15.24
CA LEU D 247 -56.08 15.08 -14.15
C LEU D 247 -55.43 14.67 -12.84
N ALA E 48 46.38 -39.13 -24.41
CA ALA E 48 45.98 -38.74 -23.06
C ALA E 48 45.84 -37.24 -22.98
N TRP E 49 46.56 -36.52 -23.83
CA TRP E 49 46.44 -35.07 -23.84
C TRP E 49 45.03 -34.70 -24.24
N THR E 50 44.46 -35.43 -25.19
CA THR E 50 43.11 -35.12 -25.64
C THR E 50 42.16 -35.28 -24.48
N ALA E 51 42.34 -36.34 -23.69
CA ALA E 51 41.49 -36.57 -22.54
C ALA E 51 41.64 -35.46 -21.51
N VAL E 52 42.86 -35.02 -21.26
CA VAL E 52 43.08 -33.94 -20.30
C VAL E 52 42.36 -32.68 -20.79
N LEU E 53 42.45 -32.40 -22.08
CA LEU E 53 41.81 -31.22 -22.64
C LEU E 53 40.31 -31.31 -22.48
N ALA E 54 39.75 -32.49 -22.72
CA ALA E 54 38.32 -32.66 -22.59
C ALA E 54 37.90 -32.43 -21.15
N ALA E 55 38.69 -32.94 -20.22
CA ALA E 55 38.38 -32.76 -18.81
C ALA E 55 38.41 -31.28 -18.44
N LEU E 56 39.39 -30.56 -18.96
CA LEU E 56 39.47 -29.13 -18.69
C LEU E 56 38.26 -28.40 -19.26
N MET E 57 37.84 -28.77 -20.46
CA MET E 57 36.69 -28.10 -21.08
C MET E 57 35.45 -28.40 -20.28
N ALA E 58 35.43 -29.57 -19.65
CA ALA E 58 34.30 -29.90 -18.80
C ALA E 58 34.29 -29.05 -17.55
N LEU E 59 35.46 -28.69 -17.03
CA LEU E 59 35.44 -27.82 -15.88
C LEU E 59 34.85 -26.46 -16.21
N LEU E 60 35.18 -25.92 -17.38
CA LEU E 60 34.65 -24.62 -17.74
C LEU E 60 33.14 -24.66 -17.92
N ILE E 61 32.64 -25.69 -18.58
CA ILE E 61 31.21 -25.71 -18.81
C ILE E 61 30.44 -25.93 -17.52
N VAL E 62 30.95 -26.75 -16.62
CA VAL E 62 30.22 -26.99 -15.40
C VAL E 62 30.22 -25.76 -14.55
N ALA E 63 31.38 -25.14 -14.40
CA ALA E 63 31.44 -23.97 -13.57
C ALA E 63 30.56 -22.85 -14.09
N THR E 64 30.50 -22.68 -15.41
CA THR E 64 29.72 -21.60 -15.97
C THR E 64 28.26 -21.83 -15.67
N VAL E 65 27.79 -23.05 -15.88
CA VAL E 65 26.40 -23.35 -15.68
C VAL E 65 25.99 -23.29 -14.22
N LEU E 66 26.79 -23.86 -13.32
CA LEU E 66 26.40 -23.83 -11.92
C LEU E 66 26.41 -22.44 -11.33
N GLY E 67 27.37 -21.62 -11.74
CA GLY E 67 27.47 -20.29 -11.19
C GLY E 67 26.23 -19.50 -11.53
N ASN E 68 25.82 -19.56 -12.79
CA ASN E 68 24.69 -18.77 -13.17
C ASN E 68 23.38 -19.38 -12.70
N ALA E 69 23.33 -20.71 -12.62
CA ALA E 69 22.11 -21.35 -12.16
C ALA E 69 21.81 -20.98 -10.72
N LEU E 70 22.84 -20.89 -9.87
CA LEU E 70 22.62 -20.53 -8.50
C LEU E 70 22.09 -19.12 -8.37
N VAL E 71 22.61 -18.21 -9.19
CA VAL E 71 22.13 -16.85 -9.13
C VAL E 71 20.68 -16.78 -9.50
N MET E 72 20.30 -17.50 -10.55
CA MET E 72 18.91 -17.50 -10.97
C MET E 72 18.01 -18.11 -9.90
N LEU E 73 18.51 -19.13 -9.19
CA LEU E 73 17.73 -19.74 -8.14
C LEU E 73 17.48 -18.75 -7.02
N ALA E 74 18.49 -18.02 -6.60
CA ALA E 74 18.27 -17.05 -5.54
C ALA E 74 17.30 -15.99 -5.98
N PHE E 75 17.36 -15.58 -7.23
CA PHE E 75 16.48 -14.55 -7.68
C PHE E 75 15.04 -15.00 -7.50
N VAL E 76 14.73 -16.21 -7.94
CA VAL E 76 13.36 -16.67 -7.79
C VAL E 76 13.00 -17.07 -6.36
N ALA E 77 13.92 -17.69 -5.64
CA ALA E 77 13.65 -18.14 -4.29
C ALA E 77 13.43 -17.01 -3.30
N ASP E 78 14.17 -15.91 -3.42
CA ASP E 78 14.03 -14.77 -2.51
C ASP E 78 13.27 -13.65 -3.16
N SER E 79 12.00 -13.51 -2.77
CA SER E 79 11.06 -12.58 -3.35
C SER E 79 11.39 -11.12 -3.12
N SER E 80 12.33 -10.81 -2.23
CA SER E 80 12.68 -9.44 -1.99
C SER E 80 13.67 -8.91 -3.04
N LEU E 81 14.26 -9.78 -3.85
CA LEU E 81 15.27 -9.35 -4.80
C LEU E 81 14.66 -8.81 -6.06
N ARG E 82 13.85 -7.77 -5.96
CA ARG E 82 13.13 -7.29 -7.14
C ARG E 82 13.47 -5.85 -7.50
N THR E 83 14.62 -5.39 -7.04
CA THR E 83 15.05 -4.04 -7.37
C THR E 83 15.49 -3.98 -8.81
N GLN E 84 15.56 -2.80 -9.38
CA GLN E 84 15.94 -2.65 -10.77
C GLN E 84 17.33 -3.22 -10.99
N ASN E 85 18.23 -3.04 -10.04
CA ASN E 85 19.55 -3.63 -10.14
C ASN E 85 19.53 -5.15 -10.16
N ASN E 86 18.65 -5.77 -9.39
CA ASN E 86 18.66 -7.22 -9.30
C ASN E 86 18.24 -7.84 -10.62
N PHE E 87 17.36 -7.18 -11.34
CA PHE E 87 16.98 -7.66 -12.66
C PHE E 87 18.15 -7.60 -13.63
N PHE E 88 18.93 -6.54 -13.59
CA PHE E 88 20.08 -6.39 -14.49
C PHE E 88 21.10 -7.47 -14.23
N LEU E 89 21.31 -7.81 -12.96
CA LEU E 89 22.23 -8.87 -12.61
C LEU E 89 21.75 -10.20 -13.14
N LEU E 90 20.44 -10.43 -13.11
CA LEU E 90 19.89 -11.66 -13.69
C LEU E 90 20.15 -11.74 -15.17
N ASN E 91 20.01 -10.64 -15.89
CA ASN E 91 20.23 -10.64 -17.32
C ASN E 91 21.66 -11.03 -17.65
N LEU E 92 22.62 -10.55 -16.85
CA LEU E 92 24.01 -10.92 -17.06
C LEU E 92 24.17 -12.40 -16.82
N ALA E 93 23.61 -12.89 -15.72
CA ALA E 93 23.66 -14.32 -15.44
C ALA E 93 23.07 -15.18 -16.54
N ILE E 94 22.01 -14.71 -17.17
CA ILE E 94 21.34 -15.48 -18.20
C ILE E 94 22.22 -15.63 -19.41
N SER E 95 22.83 -14.55 -19.86
CA SER E 95 23.66 -14.67 -21.03
C SER E 95 24.82 -15.61 -20.78
N ASP E 96 25.44 -15.48 -19.62
CA ASP E 96 26.57 -16.34 -19.34
C ASP E 96 26.14 -17.79 -19.16
N PHE E 97 24.96 -18.01 -18.60
CA PHE E 97 24.44 -19.36 -18.43
C PHE E 97 24.36 -20.07 -19.75
N LEU E 98 23.79 -19.40 -20.73
CA LEU E 98 23.61 -19.95 -22.05
C LEU E 98 24.92 -20.18 -22.77
N VAL E 99 25.94 -19.38 -22.51
CA VAL E 99 27.21 -19.67 -23.15
C VAL E 99 27.64 -21.03 -22.67
N GLY E 100 27.48 -21.25 -21.39
CA GLY E 100 27.81 -22.53 -20.81
C GLY E 100 26.94 -23.66 -21.39
N ALA E 101 25.63 -23.49 -21.31
CA ALA E 101 24.69 -24.50 -21.73
C ALA E 101 24.65 -24.83 -23.24
N PHE E 102 24.87 -23.85 -24.11
CA PHE E 102 24.78 -24.06 -25.56
C PHE E 102 26.09 -23.86 -26.32
N CYS E 103 26.70 -22.68 -26.18
CA CYS E 103 27.83 -22.42 -27.05
C CYS E 103 29.01 -23.36 -26.84
N ILE E 104 29.37 -23.59 -25.59
CA ILE E 104 30.51 -24.44 -25.36
C ILE E 104 30.33 -25.87 -25.85
N PRO E 105 29.30 -26.62 -25.49
CA PRO E 105 29.17 -27.99 -25.90
C PRO E 105 28.99 -28.17 -27.41
N LEU E 106 28.49 -27.18 -28.14
CA LEU E 106 28.40 -27.41 -29.57
C LEU E 106 29.75 -27.22 -30.21
N TYR E 107 30.54 -26.34 -29.65
CA TYR E 107 31.86 -26.06 -30.16
C TYR E 107 32.85 -27.19 -29.93
N VAL E 108 32.75 -27.84 -28.76
CA VAL E 108 33.73 -28.86 -28.41
C VAL E 108 34.10 -29.88 -29.51
N PRO E 109 33.19 -30.54 -30.22
CA PRO E 109 33.56 -31.45 -31.30
C PRO E 109 34.54 -30.83 -32.31
N TYR E 110 34.43 -29.54 -32.57
CA TYR E 110 35.31 -28.84 -33.49
C TYR E 110 36.68 -28.77 -32.88
N VAL E 111 36.70 -28.48 -31.61
CA VAL E 111 37.97 -28.33 -30.91
C VAL E 111 38.74 -29.63 -30.97
N LEU E 112 38.03 -30.72 -30.75
CA LEU E 112 38.65 -32.02 -30.72
C LEU E 112 38.94 -32.66 -32.07
N THR E 113 38.13 -32.37 -33.10
CA THR E 113 38.37 -33.02 -34.39
C THR E 113 38.92 -32.13 -35.50
N GLY E 114 38.78 -30.82 -35.39
CA GLY E 114 39.23 -29.91 -36.44
C GLY E 114 38.20 -29.72 -37.56
N ARG E 115 37.01 -30.29 -37.38
CA ARG E 115 35.95 -30.13 -38.38
C ARG E 115 34.60 -29.92 -37.75
N TRP E 116 33.68 -29.27 -38.46
CA TRP E 116 32.34 -29.08 -37.96
C TRP E 116 31.50 -30.01 -38.79
N THR E 117 30.75 -30.90 -38.16
CA THR E 117 29.99 -31.89 -38.92
C THR E 117 28.50 -31.62 -38.93
N PHE E 118 28.08 -30.38 -38.69
CA PHE E 118 26.65 -30.15 -38.58
C PHE E 118 26.07 -29.30 -39.68
N GLY E 119 26.89 -28.95 -40.66
CA GLY E 119 26.40 -28.21 -41.80
C GLY E 119 26.29 -26.71 -41.60
N ARG E 120 25.92 -26.00 -42.67
CA ARG E 120 25.75 -24.57 -42.56
C ARG E 120 24.60 -24.24 -41.63
N GLY E 121 23.55 -25.03 -41.66
CA GLY E 121 22.41 -24.80 -40.80
C GLY E 121 22.83 -24.59 -39.36
N LEU E 122 23.84 -25.33 -38.93
CA LEU E 122 24.32 -25.18 -37.57
C LEU E 122 25.38 -24.09 -37.43
N CYS E 123 26.24 -23.89 -38.44
CA CYS E 123 27.16 -22.77 -38.32
C CYS E 123 26.40 -21.49 -38.14
N LYS E 124 25.33 -21.32 -38.89
CA LYS E 124 24.61 -20.08 -38.75
C LYS E 124 23.96 -20.03 -37.39
N LEU E 125 23.41 -21.14 -36.92
CA LEU E 125 22.79 -21.05 -35.62
C LEU E 125 23.82 -20.77 -34.54
N TRP E 126 24.91 -21.52 -34.55
CA TRP E 126 25.91 -21.39 -33.53
C TRP E 126 26.56 -20.04 -33.55
N LEU E 127 26.90 -19.53 -34.74
CA LEU E 127 27.56 -18.25 -34.79
C LEU E 127 26.61 -17.19 -34.32
N VAL E 128 25.36 -17.22 -34.73
CA VAL E 128 24.52 -16.14 -34.28
C VAL E 128 24.35 -16.16 -32.79
N VAL E 129 24.14 -17.33 -32.21
CA VAL E 129 23.97 -17.36 -30.79
C VAL E 129 25.23 -16.95 -30.07
N ASP E 130 26.37 -17.47 -30.47
CA ASP E 130 27.63 -17.18 -29.77
C ASP E 130 27.86 -15.68 -29.72
N TYR E 131 27.79 -15.03 -30.88
CA TYR E 131 28.01 -13.60 -30.93
C TYR E 131 26.95 -12.82 -30.16
N LEU E 132 25.70 -13.24 -30.23
CA LEU E 132 24.65 -12.58 -29.47
C LEU E 132 24.88 -12.66 -27.98
N LEU E 133 25.23 -13.83 -27.47
CA LEU E 133 25.38 -13.96 -26.04
C LEU E 133 26.60 -13.26 -25.53
N CYS E 134 27.71 -13.36 -26.24
CA CYS E 134 28.91 -12.74 -25.75
C CYS E 134 28.80 -11.22 -25.76
N THR E 135 28.27 -10.64 -26.82
CA THR E 135 28.08 -9.19 -26.88
C THR E 135 27.10 -8.72 -25.82
N SER E 136 26.03 -9.47 -25.62
CA SER E 136 25.04 -9.11 -24.63
C SER E 136 25.64 -9.11 -23.23
N SER E 137 26.51 -10.05 -22.92
CA SER E 137 27.14 -10.00 -21.61
C SER E 137 27.93 -8.70 -21.47
N ALA E 138 28.70 -8.31 -22.50
CA ALA E 138 29.43 -7.05 -22.39
C ALA E 138 28.50 -5.87 -22.19
N PHE E 139 27.37 -5.87 -22.86
CA PHE E 139 26.44 -4.75 -22.71
C PHE E 139 25.79 -4.76 -21.34
N ASN E 140 25.60 -5.93 -20.75
CA ASN E 140 25.00 -5.99 -19.43
C ASN E 140 25.96 -5.42 -18.41
N ILE E 141 27.26 -5.57 -18.65
CA ILE E 141 28.22 -4.99 -17.74
C ILE E 141 28.10 -3.49 -17.76
N VAL E 142 27.95 -2.94 -18.96
CA VAL E 142 27.82 -1.50 -19.06
C VAL E 142 26.56 -1.04 -18.35
N LEU E 143 25.46 -1.75 -18.55
CA LEU E 143 24.20 -1.38 -17.94
C LEU E 143 24.30 -1.37 -16.43
N ILE E 144 24.94 -2.38 -15.86
CA ILE E 144 25.09 -2.43 -14.43
C ILE E 144 25.95 -1.27 -13.96
N SER E 145 27.05 -0.99 -14.64
CA SER E 145 27.90 0.11 -14.22
C SER E 145 27.17 1.44 -14.33
N TYR E 146 26.33 1.65 -15.32
CA TYR E 146 25.55 2.90 -15.41
C TYR E 146 24.58 3.12 -14.26
N ASP E 147 23.86 2.09 -13.85
CA ASP E 147 22.91 2.21 -12.76
C ASP E 147 23.62 2.59 -11.47
N ARG E 148 24.77 2.00 -11.21
CA ARG E 148 25.55 2.35 -10.03
C ARG E 148 26.01 3.79 -10.06
N PHE E 149 26.41 4.28 -11.22
CA PHE E 149 26.80 5.67 -11.36
C PHE E 149 25.62 6.58 -11.08
N LEU E 150 24.43 6.21 -11.55
CA LEU E 150 23.24 7.00 -11.23
C LEU E 150 22.98 6.98 -9.74
N SER E 151 23.17 5.84 -9.10
CA SER E 151 22.93 5.72 -7.67
C SER E 151 23.66 6.75 -6.84
N VAL E 152 24.73 7.32 -7.37
CA VAL E 152 25.50 8.28 -6.58
C VAL E 152 25.50 9.67 -7.19
N THR E 153 24.80 9.89 -8.31
CA THR E 153 24.81 11.21 -8.93
C THR E 153 23.42 11.82 -8.97
N ARG E 154 22.42 10.97 -8.97
CA ARG E 154 21.02 11.36 -8.97
C ARG E 154 20.40 10.46 -7.94
N ALA E 155 20.94 10.56 -6.73
CA ALA E 155 20.61 9.64 -5.67
C ALA E 155 19.16 9.63 -5.25
N VAL E 156 18.50 10.78 -5.28
CA VAL E 156 17.11 10.80 -4.86
C VAL E 156 16.24 10.17 -5.89
N SER E 157 16.45 10.52 -7.15
CA SER E 157 15.64 9.98 -8.22
C SER E 157 15.80 8.48 -8.26
N TYR E 158 17.02 8.00 -8.04
CA TYR E 158 17.28 6.57 -8.04
C TYR E 158 16.54 5.87 -6.92
N ARG E 159 16.51 6.48 -5.75
CA ARG E 159 15.85 5.86 -4.61
C ARG E 159 14.36 5.82 -4.87
N ALA E 160 13.87 6.84 -5.53
CA ALA E 160 12.45 6.91 -5.81
C ALA E 160 12.00 5.87 -6.83
N GLN E 161 12.85 5.61 -7.82
CA GLN E 161 12.56 4.67 -8.89
C GLN E 161 13.18 3.29 -8.76
N GLN E 162 13.83 2.97 -7.66
CA GLN E 162 14.53 1.69 -7.69
C GLN E 162 13.62 0.50 -7.70
N GLY E 163 12.37 0.66 -7.28
CA GLY E 163 11.42 -0.43 -7.27
C GLY E 163 10.60 -0.54 -8.57
N ASP E 164 10.93 0.27 -9.57
CA ASP E 164 10.18 0.29 -10.82
C ASP E 164 10.66 -0.75 -11.83
N THR E 165 9.89 -1.82 -11.98
CA THR E 165 10.30 -2.93 -12.80
C THR E 165 9.91 -2.76 -14.24
N ARG E 166 9.15 -1.73 -14.56
CA ARG E 166 8.80 -1.54 -15.96
C ARG E 166 10.04 -1.01 -16.62
N ARG E 167 10.69 -0.11 -15.90
CA ARG E 167 11.90 0.47 -16.41
C ARG E 167 12.96 -0.60 -16.55
N ALA E 168 13.03 -1.50 -15.55
CA ALA E 168 14.02 -2.56 -15.62
C ALA E 168 13.81 -3.44 -16.83
N VAL E 169 12.56 -3.74 -17.15
CA VAL E 169 12.31 -4.58 -18.30
C VAL E 169 12.66 -3.92 -19.59
N ARG E 170 12.30 -2.66 -19.75
CA ARG E 170 12.63 -2.04 -21.01
C ARG E 170 14.12 -2.05 -21.24
N LYS E 171 14.89 -1.78 -20.20
CA LYS E 171 16.33 -1.77 -20.35
C LYS E 171 16.90 -3.15 -20.66
N MET E 172 16.37 -4.19 -20.00
CA MET E 172 16.86 -5.51 -20.28
C MET E 172 16.60 -5.93 -21.72
N LEU E 173 15.41 -5.60 -22.22
CA LEU E 173 15.08 -6.00 -23.57
C LEU E 173 15.92 -5.26 -24.56
N LEU E 174 16.21 -3.99 -24.28
CA LEU E 174 17.00 -3.23 -25.21
C LEU E 174 18.36 -3.83 -25.39
N VAL E 175 18.96 -4.33 -24.31
CA VAL E 175 20.27 -4.93 -24.47
C VAL E 175 20.23 -6.11 -25.39
N TRP E 176 19.26 -6.98 -25.21
CA TRP E 176 19.24 -8.16 -26.07
C TRP E 176 19.06 -7.78 -27.52
N VAL E 177 18.22 -6.80 -27.79
CA VAL E 177 18.00 -6.40 -29.17
C VAL E 177 19.20 -5.77 -29.81
N LEU E 178 19.87 -4.87 -29.11
CA LEU E 178 21.01 -4.23 -29.72
C LEU E 178 22.11 -5.23 -29.94
N ALA E 179 22.25 -6.17 -29.02
CA ALA E 179 23.28 -7.16 -29.17
C ALA E 179 23.07 -7.94 -30.47
N PHE E 180 21.82 -8.31 -30.73
CA PHE E 180 21.51 -9.01 -31.94
C PHE E 180 21.81 -8.22 -33.16
N LEU E 181 21.36 -6.99 -33.17
CA LEU E 181 21.55 -6.18 -34.35
C LEU E 181 23.00 -5.90 -34.67
N LEU E 182 23.88 -5.83 -33.68
CA LEU E 182 25.27 -5.55 -33.99
C LEU E 182 25.88 -6.65 -34.84
N TYR E 183 25.64 -7.92 -34.51
CA TYR E 183 26.22 -8.96 -35.35
C TYR E 183 25.28 -9.91 -36.09
N GLY E 184 24.11 -10.21 -35.55
CA GLY E 184 23.23 -11.21 -36.12
C GLY E 184 23.10 -11.07 -37.63
N PRO E 185 22.59 -9.95 -38.13
CA PRO E 185 22.42 -9.68 -39.54
C PRO E 185 23.71 -9.71 -40.35
N ALA E 186 24.88 -9.49 -39.74
CA ALA E 186 26.12 -9.51 -40.51
C ALA E 186 26.56 -10.92 -40.71
N ILE E 187 26.20 -11.77 -39.79
CA ILE E 187 26.57 -13.16 -39.85
C ILE E 187 25.76 -13.83 -40.91
N LEU E 188 24.47 -13.49 -40.93
CA LEU E 188 23.56 -14.11 -41.85
C LEU E 188 23.48 -13.45 -43.23
N SER E 189 23.28 -12.14 -43.30
CA SER E 189 23.11 -11.47 -44.57
C SER E 189 24.43 -10.98 -45.11
N TRP E 190 25.35 -11.89 -45.36
CA TRP E 190 26.65 -11.52 -45.92
C TRP E 190 26.95 -12.48 -47.04
N GLU E 191 26.61 -13.74 -46.83
CA GLU E 191 26.80 -14.74 -47.87
C GLU E 191 25.96 -14.36 -49.06
N TYR E 192 24.72 -13.94 -48.80
CA TYR E 192 23.83 -13.58 -49.89
C TYR E 192 24.35 -12.40 -50.69
N LEU E 193 24.86 -11.38 -50.00
CA LEU E 193 25.34 -10.20 -50.69
C LEU E 193 26.55 -10.44 -51.60
N SER E 194 27.53 -11.21 -51.12
CA SER E 194 28.75 -11.40 -51.91
C SER E 194 28.94 -12.78 -52.56
N GLY E 195 28.00 -13.69 -52.40
CA GLY E 195 28.16 -15.04 -52.92
C GLY E 195 28.43 -16.05 -51.83
N GLY E 196 29.15 -15.66 -50.79
CA GLY E 196 29.42 -16.53 -49.66
C GLY E 196 30.66 -17.40 -49.76
N SER E 197 30.54 -18.58 -49.14
CA SER E 197 31.61 -19.56 -49.00
C SER E 197 32.76 -19.07 -48.14
N SER E 198 33.97 -19.18 -48.66
CA SER E 198 35.22 -18.86 -47.96
C SER E 198 35.44 -19.81 -46.78
N ILE E 199 34.72 -20.92 -46.80
CA ILE E 199 34.86 -21.93 -45.75
C ILE E 199 35.49 -23.07 -46.50
N PRO E 200 36.71 -23.45 -46.14
CA PRO E 200 37.33 -24.50 -46.95
C PRO E 200 36.54 -25.80 -46.91
N GLU E 201 36.12 -26.23 -45.73
CA GLU E 201 35.28 -27.41 -45.66
C GLU E 201 34.07 -27.19 -44.77
N GLY E 202 34.24 -27.41 -43.47
CA GLY E 202 33.14 -27.24 -42.54
C GLY E 202 33.32 -26.20 -41.46
N HIS E 203 34.45 -25.51 -41.43
CA HIS E 203 34.72 -24.59 -40.33
C HIS E 203 33.67 -23.50 -40.18
N CYS E 204 33.32 -23.17 -38.93
CA CYS E 204 32.35 -22.09 -38.72
C CYS E 204 32.92 -20.75 -38.34
N TYR E 205 32.69 -19.75 -39.17
CA TYR E 205 33.09 -18.40 -38.94
C TYR E 205 32.27 -17.60 -39.89
N ALA E 206 32.14 -16.34 -39.63
CA ALA E 206 31.41 -15.47 -40.54
C ALA E 206 32.31 -15.18 -41.71
N GLU E 207 31.73 -14.72 -42.82
CA GLU E 207 32.55 -14.35 -43.97
C GLU E 207 33.42 -13.12 -43.66
N PHE E 208 33.02 -12.38 -42.64
CA PHE E 208 33.79 -11.26 -42.15
C PHE E 208 34.93 -11.89 -41.38
N PHE E 209 35.81 -11.10 -40.76
CA PHE E 209 37.04 -11.59 -40.10
C PHE E 209 38.22 -11.74 -41.03
N TYR E 210 38.04 -11.32 -42.27
CA TYR E 210 39.15 -11.29 -43.19
C TYR E 210 39.06 -9.84 -43.62
N ASN E 211 38.01 -9.16 -43.18
CA ASN E 211 37.85 -7.75 -43.49
C ASN E 211 38.08 -6.99 -42.20
N TRP E 212 39.20 -6.27 -42.12
CA TRP E 212 39.50 -5.49 -40.92
C TRP E 212 38.55 -4.32 -40.70
N TYR E 213 38.14 -3.68 -41.78
CA TYR E 213 37.23 -2.55 -41.66
C TYR E 213 35.99 -2.91 -40.86
N PHE E 214 35.34 -4.01 -41.21
CA PHE E 214 34.16 -4.41 -40.51
C PHE E 214 34.47 -4.64 -39.06
N LEU E 215 35.55 -5.37 -38.82
CA LEU E 215 35.85 -5.71 -37.45
C LEU E 215 36.13 -4.50 -36.60
N ILE E 216 36.83 -3.50 -37.12
CA ILE E 216 37.08 -2.35 -36.28
C ILE E 216 35.79 -1.67 -35.92
N THR E 217 34.90 -1.49 -36.87
CA THR E 217 33.68 -0.81 -36.51
C THR E 217 32.94 -1.59 -35.46
N ALA E 218 32.80 -2.89 -35.66
CA ALA E 218 32.04 -3.67 -34.71
C ALA E 218 32.70 -3.69 -33.35
N SER E 219 34.03 -3.75 -33.32
CA SER E 219 34.83 -3.82 -32.11
C SER E 219 34.75 -2.52 -31.35
N THR E 220 34.67 -1.42 -32.07
CA THR E 220 34.55 -0.12 -31.46
C THR E 220 33.29 -0.08 -30.64
N LEU E 221 32.20 -0.59 -31.22
CA LEU E 221 30.94 -0.62 -30.54
C LEU E 221 30.82 -1.72 -29.49
N GLU E 222 31.38 -2.90 -29.74
CA GLU E 222 31.19 -3.99 -28.80
C GLU E 222 32.11 -3.95 -27.60
N PHE E 223 33.32 -3.44 -27.80
CA PHE E 223 34.27 -3.47 -26.70
C PHE E 223 34.97 -2.19 -26.35
N PHE E 224 35.55 -1.48 -27.31
CA PHE E 224 36.34 -0.34 -26.88
C PHE E 224 35.49 0.75 -26.27
N THR E 225 34.36 1.05 -26.89
CA THR E 225 33.51 2.08 -26.36
C THR E 225 32.99 1.70 -24.98
N PRO E 226 32.33 0.54 -24.75
CA PRO E 226 31.85 0.19 -23.45
C PRO E 226 32.95 -0.02 -22.44
N PHE E 227 34.16 -0.37 -22.87
CA PHE E 227 35.23 -0.50 -21.91
C PHE E 227 35.49 0.83 -21.29
N LEU E 228 35.60 1.84 -22.12
CA LEU E 228 35.86 3.16 -21.63
C LEU E 228 34.70 3.69 -20.80
N SER E 229 33.45 3.39 -21.19
CA SER E 229 32.33 3.88 -20.40
C SER E 229 32.33 3.26 -19.01
N VAL E 230 32.63 1.96 -18.92
CA VAL E 230 32.68 1.30 -17.63
C VAL E 230 33.78 1.87 -16.79
N THR E 231 34.94 2.10 -17.38
CA THR E 231 36.06 2.64 -16.65
C THR E 231 35.65 3.97 -16.06
N PHE E 232 35.01 4.82 -16.85
CA PHE E 232 34.55 6.12 -16.42
C PHE E 232 33.57 6.03 -15.27
N PHE E 233 32.56 5.20 -15.40
CA PHE E 233 31.56 5.15 -14.37
C PHE E 233 32.16 4.70 -13.06
N ASN E 234 33.03 3.70 -13.10
CA ASN E 234 33.60 3.24 -11.85
C ASN E 234 34.54 4.26 -11.25
N LEU E 235 35.24 5.01 -12.09
CA LEU E 235 36.10 6.03 -11.54
C LEU E 235 35.27 7.11 -10.88
N SER E 236 34.17 7.51 -11.49
CA SER E 236 33.36 8.54 -10.88
C SER E 236 32.78 8.09 -9.56
N ILE E 237 32.39 6.81 -9.44
CA ILE E 237 31.86 6.37 -8.17
C ILE E 237 32.94 6.45 -7.12
N TYR E 238 34.12 5.97 -7.45
CA TYR E 238 35.23 6.02 -6.53
C TYR E 238 35.50 7.42 -6.04
N LEU E 239 35.58 8.36 -6.96
CA LEU E 239 35.88 9.70 -6.57
C LEU E 239 34.80 10.29 -5.70
N ASN E 240 33.53 9.99 -5.99
CA ASN E 240 32.49 10.55 -5.15
C ASN E 240 32.54 9.97 -3.76
N ILE E 241 32.93 8.71 -3.63
CA ILE E 241 33.04 8.13 -2.32
C ILE E 241 34.13 8.79 -1.53
N GLN E 242 35.29 8.97 -2.12
CA GLN E 242 36.32 9.59 -1.31
C GLN E 242 36.01 11.01 -0.97
N ARG E 243 35.37 11.76 -1.86
CA ARG E 243 35.06 13.12 -1.51
C ARG E 243 34.17 13.18 -0.31
N ARG E 244 33.12 12.36 -0.29
CA ARG E 244 32.19 12.45 0.81
C ARG E 244 32.82 11.99 2.11
N THR E 245 33.60 10.92 2.08
CA THR E 245 34.21 10.44 3.32
C THR E 245 35.20 11.44 3.83
N ARG E 246 36.00 12.01 2.95
CA ARG E 246 36.98 12.95 3.39
C ARG E 246 36.32 14.14 4.06
N LEU E 247 35.28 14.70 3.44
CA LEU E 247 34.56 15.83 4.03
C LEU E 247 33.99 15.51 5.40
N ARG E 248 33.45 14.30 5.56
CA ARG E 248 32.92 13.90 6.86
C ARG E 248 33.99 13.82 7.94
N LEU E 249 35.15 13.30 7.60
CA LEU E 249 36.22 13.17 8.57
C LEU E 249 36.82 14.53 8.93
N ASP E 250 36.98 15.40 7.94
CA ASP E 250 37.59 16.70 8.21
C ASP E 250 36.65 17.56 9.01
N GLY E 251 35.35 17.44 8.73
CA GLY E 251 34.33 18.21 9.40
C GLY E 251 34.57 18.24 10.90
N SER E 359 38.95 7.97 15.19
CA SER E 359 38.11 7.23 16.13
C SER E 359 37.74 5.90 15.53
N PHE E 360 37.00 5.07 16.26
CA PHE E 360 36.63 3.78 15.71
C PHE E 360 35.82 3.91 14.45
N THR E 361 34.77 4.72 14.50
CA THR E 361 33.91 4.84 13.36
C THR E 361 34.60 5.52 12.21
N GLN E 362 35.53 6.43 12.49
CA GLN E 362 36.21 7.06 11.39
C GLN E 362 37.07 6.04 10.65
N ARG E 363 37.75 5.19 11.42
CA ARG E 363 38.58 4.16 10.81
C ARG E 363 37.75 3.11 10.11
N PHE E 364 36.57 2.80 10.64
CA PHE E 364 35.70 1.81 10.02
C PHE E 364 35.24 2.27 8.64
N ARG E 365 34.90 3.55 8.50
CA ARG E 365 34.46 4.07 7.23
C ARG E 365 35.59 4.00 6.21
N LEU E 366 36.79 4.37 6.62
CA LEU E 366 37.95 4.35 5.74
C LEU E 366 38.24 2.94 5.27
N SER E 367 38.12 1.98 6.18
CA SER E 367 38.36 0.60 5.83
C SER E 367 37.38 0.11 4.79
N ARG E 368 36.13 0.49 4.93
CA ARG E 368 35.10 0.03 4.01
C ARG E 368 35.22 0.72 2.66
N ASP E 369 35.81 1.91 2.62
CA ASP E 369 36.01 2.57 1.35
C ASP E 369 37.14 1.90 0.59
N ARG E 370 38.19 1.46 1.29
CA ARG E 370 39.28 0.82 0.60
C ARG E 370 38.81 -0.49 -0.02
N LYS E 371 37.99 -1.27 0.68
CA LYS E 371 37.51 -2.51 0.09
C LYS E 371 36.69 -2.26 -1.15
N VAL E 372 35.88 -1.21 -1.11
CA VAL E 372 35.07 -0.87 -2.25
C VAL E 372 35.91 -0.46 -3.42
N ALA E 373 36.93 0.34 -3.18
CA ALA E 373 37.78 0.75 -4.26
C ALA E 373 38.42 -0.46 -4.92
N LYS E 374 38.82 -1.46 -4.12
CA LYS E 374 39.42 -2.63 -4.71
C LYS E 374 38.43 -3.35 -5.59
N SER E 375 37.20 -3.45 -5.13
CA SER E 375 36.19 -4.14 -5.92
C SER E 375 35.97 -3.46 -7.25
N LEU E 376 35.88 -2.13 -7.26
CA LEU E 376 35.64 -1.44 -8.50
C LEU E 376 36.81 -1.64 -9.47
N ALA E 377 38.04 -1.61 -8.95
CA ALA E 377 39.20 -1.80 -9.79
C ALA E 377 39.23 -3.18 -10.42
N VAL E 378 38.82 -4.19 -9.67
CA VAL E 378 38.82 -5.54 -10.16
C VAL E 378 37.86 -5.71 -11.30
N ILE E 379 36.68 -5.13 -11.20
CA ILE E 379 35.75 -5.31 -12.29
C ILE E 379 36.28 -4.72 -13.58
N VAL E 380 36.85 -3.53 -13.51
CA VAL E 380 37.32 -2.93 -14.75
C VAL E 380 38.44 -3.76 -15.34
N SER E 381 39.36 -4.19 -14.49
CA SER E 381 40.50 -4.97 -14.92
C SER E 381 40.13 -6.28 -15.56
N ILE E 382 39.24 -7.05 -14.96
CA ILE E 382 38.91 -8.32 -15.54
C ILE E 382 38.18 -8.17 -16.84
N PHE E 383 37.21 -7.28 -16.93
CA PHE E 383 36.54 -7.15 -18.20
C PHE E 383 37.54 -6.78 -19.27
N GLY E 384 38.38 -5.78 -19.02
CA GLY E 384 39.34 -5.39 -20.03
C GLY E 384 40.31 -6.52 -20.38
N LEU E 385 40.74 -7.27 -19.38
CA LEU E 385 41.67 -8.35 -19.60
C LEU E 385 41.12 -9.47 -20.41
N CYS E 386 39.91 -9.92 -20.12
CA CYS E 386 39.42 -11.01 -20.92
C CYS E 386 39.12 -10.61 -22.35
N TRP E 387 38.55 -9.44 -22.53
CA TRP E 387 38.12 -9.03 -23.85
C TRP E 387 39.15 -8.45 -24.79
N ALA E 388 40.09 -7.69 -24.29
CA ALA E 388 40.99 -7.08 -25.23
C ALA E 388 41.82 -8.08 -26.04
N PRO E 389 42.45 -9.12 -25.48
CA PRO E 389 43.27 -10.04 -26.24
C PRO E 389 42.59 -10.61 -27.47
N TYR E 390 41.31 -10.94 -27.35
CA TYR E 390 40.62 -11.49 -28.50
C TYR E 390 40.39 -10.42 -29.51
N THR E 391 39.90 -9.29 -29.05
CA THR E 391 39.53 -8.23 -29.94
C THR E 391 40.74 -7.81 -30.75
N LEU E 392 41.86 -7.67 -30.08
CA LEU E 392 43.05 -7.22 -30.75
C LEU E 392 43.61 -8.26 -31.70
N LEU E 393 43.63 -9.54 -31.32
CA LEU E 393 44.19 -10.48 -32.29
C LEU E 393 43.30 -10.59 -33.47
N MET E 394 41.99 -10.51 -33.27
CA MET E 394 41.11 -10.68 -34.38
C MET E 394 41.28 -9.56 -35.40
N ILE E 395 41.48 -8.33 -34.94
CA ILE E 395 41.68 -7.25 -35.87
C ILE E 395 42.96 -7.46 -36.63
N ILE E 396 44.01 -7.85 -35.93
CA ILE E 396 45.29 -8.07 -36.57
C ILE E 396 45.23 -9.18 -37.58
N ARG E 397 44.64 -10.32 -37.26
CA ARG E 397 44.60 -11.38 -38.23
C ARG E 397 43.91 -10.92 -39.49
N ALA E 398 42.83 -10.15 -39.36
CA ALA E 398 42.22 -9.70 -40.58
C ALA E 398 43.16 -8.75 -41.32
N ALA E 399 43.83 -7.86 -40.59
CA ALA E 399 44.74 -6.90 -41.21
C ALA E 399 45.90 -7.56 -41.93
N CYS E 400 46.37 -8.67 -41.37
CA CYS E 400 47.47 -9.44 -41.92
C CYS E 400 47.01 -10.48 -42.92
N HIS E 401 45.72 -10.54 -43.21
CA HIS E 401 45.19 -11.51 -44.14
C HIS E 401 45.54 -12.94 -43.75
N GLY E 402 45.49 -13.25 -42.46
CA GLY E 402 45.76 -14.58 -41.94
C GLY E 402 47.19 -14.79 -41.46
N HIS E 403 48.08 -13.86 -41.77
CA HIS E 403 49.48 -13.90 -41.37
C HIS E 403 49.66 -13.29 -39.98
N CYS E 404 50.89 -13.27 -39.48
CA CYS E 404 51.30 -12.64 -38.21
C CYS E 404 50.95 -13.36 -36.91
N VAL E 405 49.71 -13.81 -36.76
CA VAL E 405 49.30 -14.44 -35.51
C VAL E 405 49.39 -15.96 -35.54
N PRO E 406 50.07 -16.54 -34.54
CA PRO E 406 50.14 -18.01 -34.45
C PRO E 406 48.77 -18.59 -34.13
N ASP E 407 48.47 -19.79 -34.63
CA ASP E 407 47.14 -20.36 -34.44
C ASP E 407 46.77 -20.60 -32.99
N TYR E 408 47.72 -21.09 -32.21
CA TYR E 408 47.44 -21.36 -30.79
C TYR E 408 47.08 -20.08 -30.06
N TRP E 409 47.77 -18.99 -30.36
CA TRP E 409 47.43 -17.71 -29.75
C TRP E 409 45.97 -17.38 -29.94
N TYR E 410 45.50 -17.51 -31.17
CA TYR E 410 44.13 -17.18 -31.47
C TYR E 410 43.16 -18.00 -30.68
N GLU E 411 43.37 -19.31 -30.67
CA GLU E 411 42.42 -20.16 -30.00
C GLU E 411 42.42 -19.84 -28.51
N THR E 412 43.59 -19.55 -27.96
CA THR E 412 43.66 -19.25 -26.55
C THR E 412 42.80 -18.04 -26.20
N SER E 413 42.89 -16.97 -27.00
CA SER E 413 42.12 -15.77 -26.70
C SER E 413 40.63 -16.04 -26.81
N PHE E 414 40.24 -16.87 -27.74
CA PHE E 414 38.83 -17.19 -27.89
C PHE E 414 38.27 -17.78 -26.61
N TRP E 415 38.98 -18.70 -25.98
CA TRP E 415 38.46 -19.33 -24.78
C TRP E 415 38.43 -18.40 -23.56
N LEU E 416 39.26 -17.36 -23.57
CA LEU E 416 39.28 -16.40 -22.46
C LEU E 416 37.98 -15.62 -22.27
N LEU E 417 37.34 -15.22 -23.36
CA LEU E 417 36.07 -14.49 -23.28
C LEU E 417 35.03 -15.39 -22.63
N TRP E 418 35.04 -16.66 -22.98
CA TRP E 418 34.11 -17.62 -22.38
C TRP E 418 34.36 -17.76 -20.88
N ALA E 419 35.62 -17.71 -20.48
CA ALA E 419 35.97 -17.78 -19.05
C ALA E 419 35.39 -16.60 -18.29
N ASN E 420 35.33 -15.44 -18.92
CA ASN E 420 34.78 -14.25 -18.28
C ASN E 420 33.35 -14.54 -17.91
N SER E 421 32.63 -15.27 -18.75
CA SER E 421 31.26 -15.63 -18.43
C SER E 421 31.21 -16.46 -17.15
N ALA E 422 32.13 -17.40 -16.99
CA ALA E 422 32.18 -18.19 -15.76
C ALA E 422 32.53 -17.39 -14.53
N VAL E 423 33.50 -16.48 -14.64
CA VAL E 423 33.90 -15.62 -13.52
C VAL E 423 32.83 -14.62 -13.13
N ASN E 424 32.09 -14.10 -14.09
CA ASN E 424 31.07 -13.08 -13.80
C ASN E 424 30.18 -13.35 -12.61
N PRO E 425 29.65 -14.58 -12.48
CA PRO E 425 28.85 -14.75 -11.25
C PRO E 425 29.63 -14.49 -9.98
N VAL E 426 30.94 -14.72 -9.99
CA VAL E 426 31.75 -14.47 -8.79
C VAL E 426 31.76 -12.99 -8.45
N LEU E 427 31.88 -12.12 -9.45
CA LEU E 427 32.05 -10.69 -9.16
C LEU E 427 30.76 -10.01 -8.78
N TYR E 428 29.79 -9.95 -9.69
CA TYR E 428 28.60 -9.14 -9.45
C TYR E 428 27.64 -9.80 -8.47
N PRO E 429 27.06 -10.95 -8.80
CA PRO E 429 26.04 -11.53 -7.91
C PRO E 429 26.55 -11.89 -6.52
N LEU E 430 27.80 -12.33 -6.39
CA LEU E 430 28.29 -12.82 -5.11
C LEU E 430 28.63 -11.70 -4.13
N CYS E 431 28.86 -10.49 -4.62
CA CYS E 431 29.15 -9.35 -3.75
C CYS E 431 27.90 -8.62 -3.30
N HIS E 432 26.79 -8.76 -4.02
CA HIS E 432 25.52 -8.21 -3.59
C HIS E 432 25.10 -8.86 -2.27
N HIS E 433 24.69 -8.03 -1.31
CA HIS E 433 24.28 -8.57 -0.01
C HIS E 433 22.94 -9.28 -0.07
N SER E 434 22.01 -8.79 -0.90
CA SER E 434 20.73 -9.47 -1.03
C SER E 434 20.88 -10.84 -1.69
N PHE E 435 21.72 -10.96 -2.71
CA PHE E 435 21.97 -12.26 -3.31
C PHE E 435 22.66 -13.19 -2.32
N ARG E 436 23.57 -12.66 -1.51
CA ARG E 436 24.18 -13.47 -0.45
C ARG E 436 23.12 -13.98 0.52
N ARG E 437 22.18 -13.10 0.91
CA ARG E 437 21.11 -13.52 1.82
C ARG E 437 20.27 -14.62 1.19
N ALA E 438 19.92 -14.47 -0.08
CA ALA E 438 19.13 -15.50 -0.75
C ALA E 438 19.90 -16.82 -0.82
N PHE E 439 21.20 -16.76 -1.12
CA PHE E 439 22.00 -17.97 -1.16
C PHE E 439 22.03 -18.66 0.20
N THR E 440 22.20 -17.87 1.27
CA THR E 440 22.19 -18.44 2.61
C THR E 440 20.83 -19.07 2.92
N LYS E 441 19.74 -18.43 2.48
CA LYS E 441 18.42 -19.00 2.68
C LYS E 441 18.29 -20.34 1.96
N LEU E 442 18.86 -20.45 0.76
CA LEU E 442 18.82 -21.73 0.06
C LEU E 442 19.51 -22.81 0.88
N LEU E 443 20.65 -22.50 1.48
CA LEU E 443 21.36 -23.46 2.33
C LEU E 443 20.55 -23.78 3.57
#